data_6O84
#
_entry.id   6O84
#
_cell.length_a   1.00
_cell.length_b   1.00
_cell.length_c   1.00
_cell.angle_alpha   90.00
_cell.angle_beta   90.00
_cell.angle_gamma   90.00
#
_symmetry.space_group_name_H-M   'P 1'
#
_entity_poly.entity_id   1
_entity_poly.type   'polypeptide(L)'
_entity_poly.pdbx_seq_one_letter_code
;MLSKEEPACRQFHSREKTWGNEHNGKTVTQANNKEHKVPAVRRGDIGQREPAAHPASHIQGTMASENTGEQATCKDQYMD
LDAPGNNLEHSWLHRHCEIPTTLHQRAKKTGRLFSGLFGLNLMFLGGTVVSSVALSNKAVPERDSQSFLCILMLLSSVWA
LYHLLFIRNQNGAVHHDHHAGAMWLKASLAIFGVCSIILSIFEIGHALLLQNCEILMDIVFFSIEIVFVSVQTVLLWVSC
KDCVQMHHSVTRYGIMLTLATDILLWLTAVIDDSLEQDLEILQSNSTQDESNEMAQCQCPTDSMCWGLKQGYVTMFPFNI
EYSLICATLLFIMWKNVGRRE(UNK)(UNK)(UNK)(UNK)(UNK)(UNK)(UNK)(UNK)(UNK)(UNK)(UNK)
(UNK)(UNK)(UNK)(UNK)(UNK)(UNK)(UNK)(UNK)(UNK)(UNK)(UNK)(UNK)(UNK)(UNK)(UNK)(UNK)
(UNK)(UNK)(UNK)(UNK)(UNK)(UNK)(UNK)(UNK)(UNK)(UNK)(UNK)(UNK)(UNK)(UNK)(UNK)(UNK)
(UNK)(UNK)(UNK)(UNK)(UNK)(UNK)(UNK)(UNK)(UNK)(UNK)(UNK)(UNK)(UNK)(UNK)(UNK)(UNK)
(UNK)(UNK)(UNK)(UNK)(UNK)(UNK)(UNK)(UNK)(UNK)(UNK)(UNK)(UNK)(UNK)(UNK)(UNK)(UNK)
(UNK)(UNK)(UNK)(UNK)(UNK)(UNK)(UNK)(UNK)(UNK)(UNK)(UNK)(UNK)(UNK)(UNK)(UNK)(UNK)
(UNK)(UNK)(UNK)(UNK)W(UNK)(UNK)(UNK)(UNK)(UNK)(UNK)(UNK)(UNK)(UNK)(UNK)(UNK)
(UNK)(UNK)(UNK)(UNK)(UNK)(UNK)(UNK)(UNK)(UNK)(UNK)(UNK)(UNK)(UNK)(UNK)(UNK)(UNK)
(UNK)(UNK)(UNK)(UNK)(UNK)(UNK)(UNK)(UNK)(UNK)(UNK)(UNK)(UNK)(UNK)(UNK)(UNK)(UNK)
(UNK)(UNK)(UNK)(UNK)(UNK)(UNK)(UNK)(UNK)(UNK)(UNK)(UNK)(UNK)(UNK)(UNK)(UNK)(UNK)
(UNK)(UNK)(UNK)(UNK)(UNK)(UNK)(UNK)(UNK)(UNK)RKLDVTLLFVSAVGQLGISYFSIIATVVTTPWTML
SALNFSNSLLLILQYLSQTMFIIESMRSIHEEEKEKPGHHEESHRRMSVQEMHKAPPSCLDAGHLGLSRRVVKEMAMFLM
ICNIMCWILGAFGAHPLYMNGLERQLYGSGIWLAILNIGLPLSVFYRMHSVGILLEVYLHALEGSSLVPR
;
_entity_poly.pdbx_strand_id   A,B
#
# COMPACT_ATOMS: atom_id res chain seq x y z
N LYS A 109 -15.44 -17.25 12.41
CA LYS A 109 -15.32 -15.97 11.72
C LYS A 109 -15.25 -14.82 12.72
N THR A 110 -16.01 -14.94 13.80
CA THR A 110 -16.02 -13.89 14.82
C THR A 110 -14.70 -13.84 15.57
N GLY A 111 -14.10 -15.00 15.82
CA GLY A 111 -12.78 -15.03 16.42
C GLY A 111 -11.70 -14.59 15.45
N ARG A 112 -11.97 -14.70 14.15
CA ARG A 112 -11.03 -14.23 13.14
C ARG A 112 -10.97 -12.70 13.12
N LEU A 113 -12.12 -12.04 13.21
CA LEU A 113 -12.15 -10.59 13.30
C LEU A 113 -11.60 -10.09 14.62
N PHE A 114 -11.90 -10.82 15.70
CA PHE A 114 -11.37 -10.44 17.01
C PHE A 114 -9.87 -10.67 17.09
N SER A 115 -9.33 -11.51 16.21
CA SER A 115 -7.89 -11.60 16.06
C SER A 115 -7.38 -10.61 15.03
N GLY A 116 -8.21 -10.26 14.06
CA GLY A 116 -7.75 -9.42 12.96
C GLY A 116 -7.51 -7.99 13.38
N LEU A 117 -8.37 -7.44 14.22
CA LEU A 117 -8.20 -6.06 14.64
C LEU A 117 -7.07 -5.92 15.65
N PHE A 118 -6.83 -6.96 16.44
CA PHE A 118 -5.62 -6.98 17.27
C PHE A 118 -4.38 -7.08 16.39
N GLY A 119 -4.47 -7.83 15.30
CA GLY A 119 -3.34 -7.92 14.40
C GLY A 119 -3.13 -6.66 13.60
N LEU A 120 -4.21 -5.91 13.34
CA LEU A 120 -4.07 -4.68 12.58
C LEU A 120 -3.55 -3.56 13.44
N ASN A 121 -3.99 -3.50 14.69
CA ASN A 121 -3.61 -2.41 15.58
C ASN A 121 -2.15 -2.52 15.99
N LEU A 122 -1.65 -3.75 16.12
CA LEU A 122 -0.33 -3.96 16.71
C LEU A 122 0.79 -3.49 15.77
N MET A 123 0.64 -3.73 14.47
CA MET A 123 1.70 -3.33 13.54
C MET A 123 1.69 -1.83 13.32
N PHE A 124 0.53 -1.20 13.46
CA PHE A 124 0.49 0.26 13.40
C PHE A 124 1.14 0.88 14.61
N LEU A 125 0.91 0.30 15.79
CA LEU A 125 1.58 0.79 16.98
C LEU A 125 3.06 0.44 16.94
N GLY A 126 3.41 -0.67 16.31
CA GLY A 126 4.81 -0.99 16.14
C GLY A 126 5.48 -0.12 15.09
N GLY A 127 4.81 0.05 13.94
CA GLY A 127 5.42 0.80 12.85
C GLY A 127 5.52 2.28 13.12
N THR A 128 4.75 2.77 14.09
CA THR A 128 4.87 4.15 14.51
C THR A 128 6.19 4.40 15.22
N VAL A 129 6.60 3.44 16.07
CA VAL A 129 7.77 3.63 16.91
C VAL A 129 9.05 3.60 16.06
N VAL A 130 9.13 2.65 15.14
CA VAL A 130 10.35 2.47 14.36
C VAL A 130 10.47 3.56 13.30
N SER A 131 9.37 4.25 12.99
CA SER A 131 9.44 5.32 12.02
C SER A 131 9.77 6.65 12.69
N SER A 132 9.23 6.88 13.88
CA SER A 132 9.43 8.14 14.58
C SER A 132 10.88 8.32 15.03
N VAL A 133 11.61 7.22 15.19
CA VAL A 133 13.05 7.30 15.36
C VAL A 133 13.70 7.88 14.11
N ALA A 134 13.20 7.48 12.93
CA ALA A 134 13.82 7.91 11.69
C ALA A 134 13.41 9.30 11.27
N LEU A 135 12.22 9.77 11.69
CA LEU A 135 11.78 11.09 11.28
C LEU A 135 12.44 12.19 12.11
N SER A 136 12.72 11.92 13.38
CA SER A 136 13.27 12.96 14.24
C SER A 136 14.76 12.80 14.45
N ASN A 137 15.20 11.61 14.89
CA ASN A 137 16.55 11.16 15.24
C ASN A 137 17.12 11.82 16.48
N LYS A 138 16.43 12.78 17.09
CA LYS A 138 17.02 13.57 18.16
C LYS A 138 16.32 13.34 19.49
N ALA A 139 14.99 13.41 19.52
CA ALA A 139 14.28 13.23 20.78
C ALA A 139 14.24 11.76 21.17
N VAL A 140 13.64 10.91 20.33
CA VAL A 140 13.61 9.48 20.59
C VAL A 140 14.97 8.88 20.26
N PRO A 141 15.49 7.98 21.10
CA PRO A 141 16.78 7.35 20.80
C PRO A 141 16.62 6.11 19.94
N GLU A 142 17.76 5.56 19.54
CA GLU A 142 17.78 4.42 18.64
C GLU A 142 17.43 3.12 19.36
N ARG A 143 17.54 3.10 20.69
CA ARG A 143 17.37 1.85 21.42
C ARG A 143 15.91 1.43 21.54
N ASP A 144 14.97 2.37 21.51
CA ASP A 144 13.57 2.00 21.68
C ASP A 144 13.01 1.35 20.43
N SER A 145 13.51 1.59 19.24
CA SER A 145 12.93 0.81 18.17
C SER A 145 13.31 -0.65 18.43
N GLN A 146 14.60 -0.83 18.71
CA GLN A 146 15.18 -2.15 18.97
C GLN A 146 14.69 -2.88 20.21
N SER A 147 14.56 -2.16 21.31
CA SER A 147 14.12 -2.81 22.55
C SER A 147 12.72 -3.36 22.36
N PHE A 148 11.85 -2.55 21.76
CA PHE A 148 10.48 -2.97 21.53
C PHE A 148 10.47 -4.18 20.59
N LEU A 149 11.30 -4.13 19.55
CA LEU A 149 11.31 -5.26 18.62
C LEU A 149 11.74 -6.54 19.35
N CYS A 150 12.76 -6.44 20.20
CA CYS A 150 13.22 -7.62 20.92
C CYS A 150 12.14 -8.17 21.85
N ILE A 151 11.45 -7.29 22.58
CA ILE A 151 10.42 -7.83 23.47
C ILE A 151 9.31 -8.49 22.67
N LEU A 152 8.92 -7.89 21.56
CA LEU A 152 7.87 -8.47 20.74
C LEU A 152 8.29 -9.84 20.21
N MET A 153 9.55 -9.95 19.81
CA MET A 153 10.10 -11.21 19.31
C MET A 153 10.13 -12.31 20.35
N LEU A 154 10.45 -11.99 21.60
CA LEU A 154 10.55 -13.05 22.61
C LEU A 154 9.25 -13.83 22.84
N LEU A 155 8.14 -13.10 22.88
CA LEU A 155 6.80 -13.65 23.09
C LEU A 155 6.32 -14.40 21.85
N SER A 156 6.80 -14.01 20.68
CA SER A 156 6.41 -14.71 19.47
C SER A 156 7.10 -16.05 19.38
N SER A 157 8.29 -16.16 19.97
CA SER A 157 9.03 -17.42 19.90
C SER A 157 8.46 -18.45 20.85
N VAL A 158 8.05 -18.04 22.05
CA VAL A 158 7.56 -19.00 23.04
C VAL A 158 6.18 -19.50 22.66
N TRP A 159 5.46 -18.74 21.84
CA TRP A 159 4.22 -19.28 21.27
C TRP A 159 4.53 -20.38 20.27
N ALA A 160 5.60 -20.20 19.48
CA ALA A 160 5.94 -21.19 18.46
C ALA A 160 6.36 -22.51 19.08
N LEU A 161 7.04 -22.46 20.21
CA LEU A 161 7.34 -23.69 20.95
C LEU A 161 6.06 -24.29 21.52
N TYR A 162 5.15 -23.43 22.00
CA TYR A 162 3.91 -23.90 22.58
C TYR A 162 3.00 -24.50 21.52
N HIS A 163 3.03 -23.95 20.31
CA HIS A 163 2.27 -24.56 19.22
C HIS A 163 2.92 -25.85 18.75
N LEU A 164 4.25 -25.91 18.82
CA LEU A 164 4.96 -27.09 18.33
C LEU A 164 4.78 -28.27 19.25
N LEU A 165 5.09 -28.10 20.53
CA LEU A 165 5.15 -29.25 21.43
C LEU A 165 3.78 -29.69 21.89
N PHE A 166 2.97 -28.77 22.40
CA PHE A 166 1.78 -29.12 23.14
C PHE A 166 0.50 -29.03 22.33
N ILE A 167 0.55 -28.60 21.08
CA ILE A 167 -0.62 -28.32 20.28
C ILE A 167 -0.68 -29.19 19.03
N ARG A 168 0.41 -29.20 18.25
CA ARG A 168 0.39 -29.94 16.99
C ARG A 168 0.45 -31.44 17.22
N ASN A 169 1.19 -31.88 18.24
CA ASN A 169 1.36 -33.31 18.49
C ASN A 169 0.09 -33.94 19.05
N GLN A 170 -0.82 -33.15 19.58
CA GLN A 170 -2.12 -33.66 19.97
C GLN A 170 -2.96 -33.94 18.72
N ASN A 171 -3.98 -34.77 18.89
CA ASN A 171 -4.87 -35.08 17.78
C ASN A 171 -5.80 -33.91 17.49
N GLY A 172 -6.01 -33.62 16.21
CA GLY A 172 -6.87 -32.52 15.83
C GLY A 172 -6.20 -31.42 15.03
N ALA A 173 -5.19 -31.78 14.24
CA ALA A 173 -4.54 -30.86 13.31
C ALA A 173 -4.57 -31.51 11.93
N VAL A 174 -5.55 -31.13 11.13
CA VAL A 174 -5.83 -31.82 9.86
C VAL A 174 -4.79 -31.42 8.82
N HIS A 175 -4.15 -32.42 8.22
CA HIS A 175 -3.21 -32.21 7.14
C HIS A 175 -3.91 -31.67 5.91
N HIS A 176 -3.20 -30.84 5.15
CA HIS A 176 -3.67 -30.37 3.85
C HIS A 176 -2.78 -31.02 2.80
N ASP A 177 -3.30 -32.08 2.19
CA ASP A 177 -2.53 -32.86 1.23
C ASP A 177 -2.38 -32.13 -0.11
N HIS A 178 -3.34 -31.28 -0.47
CA HIS A 178 -3.53 -30.96 -1.87
C HIS A 178 -2.53 -29.91 -2.37
N HIS A 179 -2.63 -28.66 -1.89
CA HIS A 179 -1.62 -27.70 -2.32
C HIS A 179 -0.82 -27.14 -1.16
N ALA A 180 -1.50 -26.39 -0.28
CA ALA A 180 -1.00 -25.90 1.02
C ALA A 180 0.36 -25.18 0.95
N GLY A 181 0.69 -24.62 -0.21
CA GLY A 181 2.06 -24.14 -0.32
C GLY A 181 3.02 -25.26 -0.65
N ALA A 182 3.84 -25.02 -1.67
CA ALA A 182 4.62 -26.11 -2.25
C ALA A 182 6.08 -26.06 -1.79
N MET A 183 6.89 -26.87 -2.46
CA MET A 183 8.24 -27.16 -2.00
C MET A 183 9.17 -25.95 -2.09
N TRP A 184 9.05 -25.17 -3.16
CA TRP A 184 9.95 -24.03 -3.36
C TRP A 184 9.73 -22.95 -2.32
N LEU A 185 8.49 -22.80 -1.85
CA LEU A 185 8.22 -21.79 -0.84
C LEU A 185 8.76 -22.25 0.50
N LYS A 186 8.82 -23.56 0.72
CA LYS A 186 9.54 -24.09 1.87
C LYS A 186 11.05 -23.99 1.65
N ALA A 187 11.50 -24.20 0.42
CA ALA A 187 12.93 -24.27 0.16
C ALA A 187 13.57 -22.89 0.21
N SER A 188 12.91 -21.89 -0.38
CA SER A 188 13.45 -20.53 -0.36
C SER A 188 13.40 -19.94 1.04
N LEU A 189 12.51 -20.44 1.88
CA LEU A 189 12.57 -20.13 3.30
C LEU A 189 13.83 -20.69 3.92
N ALA A 190 14.21 -21.90 3.54
CA ALA A 190 15.35 -22.57 4.16
C ALA A 190 16.66 -21.94 3.69
N ILE A 191 16.72 -21.54 2.43
CA ILE A 191 17.94 -20.91 1.91
C ILE A 191 18.12 -19.53 2.51
N PHE A 192 17.10 -18.68 2.38
CA PHE A 192 17.25 -17.28 2.75
C PHE A 192 17.24 -17.09 4.26
N GLY A 193 16.80 -18.10 5.00
CA GLY A 193 16.88 -18.01 6.45
C GLY A 193 18.30 -18.13 6.97
N VAL A 194 19.04 -19.11 6.47
CA VAL A 194 20.36 -19.39 7.04
C VAL A 194 21.39 -18.38 6.56
N CYS A 195 21.13 -17.72 5.44
CA CYS A 195 22.01 -16.62 5.03
C CYS A 195 21.79 -15.40 5.92
N SER A 196 20.59 -15.27 6.49
CA SER A 196 20.37 -14.20 7.45
C SER A 196 21.08 -14.49 8.77
N ILE A 197 21.37 -15.78 9.03
CA ILE A 197 22.09 -16.14 10.23
C ILE A 197 23.55 -15.73 10.13
N ILE A 198 24.18 -16.02 8.99
CA ILE A 198 25.58 -15.69 8.78
C ILE A 198 25.77 -14.19 8.67
N LEU A 199 24.77 -13.48 8.14
CA LEU A 199 24.85 -12.04 8.06
C LEU A 199 24.76 -11.41 9.44
N SER A 200 24.04 -12.06 10.36
CA SER A 200 24.04 -11.60 11.74
C SER A 200 25.29 -12.06 12.46
N ILE A 201 25.83 -13.22 12.06
CA ILE A 201 27.08 -13.72 12.65
C ILE A 201 28.24 -12.83 12.27
N PHE A 202 28.28 -12.40 11.01
CA PHE A 202 29.34 -11.49 10.58
C PHE A 202 29.15 -10.11 11.18
N GLU A 203 27.91 -9.76 11.52
CA GLU A 203 27.67 -8.47 12.18
C GLU A 203 28.16 -8.50 13.62
N ILE A 204 27.92 -9.61 14.32
CA ILE A 204 28.17 -9.64 15.76
C ILE A 204 29.67 -9.76 16.04
N GLY A 205 30.44 -10.26 15.07
CA GLY A 205 31.88 -10.25 15.23
C GLY A 205 32.46 -8.86 15.07
N HIS A 206 31.85 -8.06 14.18
CA HIS A 206 32.28 -6.67 14.01
C HIS A 206 31.99 -5.86 15.25
N ALA A 207 30.90 -6.18 15.95
CA ALA A 207 30.55 -5.44 17.16
C ALA A 207 31.54 -5.72 18.28
N LEU A 208 32.09 -6.93 18.32
CA LEU A 208 33.09 -7.25 19.33
C LEU A 208 34.43 -6.61 18.99
N LEU A 209 34.97 -6.94 17.81
CA LEU A 209 36.26 -6.42 17.36
C LEU A 209 36.04 -5.00 16.85
N LEU A 210 35.95 -4.06 17.79
CA LEU A 210 35.44 -2.73 17.48
C LEU A 210 36.13 -1.70 18.35
N GLN A 211 36.13 -0.46 17.86
CA GLN A 211 36.48 0.73 18.63
C GLN A 211 35.60 0.84 19.89
N ASN A 212 36.10 1.60 20.87
CA ASN A 212 35.38 1.81 22.12
C ASN A 212 34.10 2.60 21.89
N CYS A 213 32.97 1.90 21.98
CA CYS A 213 31.65 2.46 21.68
C CYS A 213 30.66 1.80 22.63
N GLU A 214 29.38 1.85 22.27
CA GLU A 214 28.33 1.23 23.06
C GLU A 214 28.50 -0.29 23.09
N ILE A 215 28.35 -0.88 24.27
CA ILE A 215 28.50 -2.31 24.47
C ILE A 215 27.15 -2.91 24.85
N LEU A 216 26.88 -4.09 24.30
CA LEU A 216 25.90 -5.07 24.77
C LEU A 216 24.43 -4.71 24.53
N MET A 217 24.14 -3.55 23.94
CA MET A 217 22.76 -3.29 23.55
C MET A 217 22.46 -3.93 22.20
N ASP A 218 23.32 -3.66 21.21
CA ASP A 218 23.15 -4.31 19.92
C ASP A 218 23.54 -5.78 19.99
N ILE A 219 24.45 -6.12 20.90
CA ILE A 219 24.92 -7.51 21.02
C ILE A 219 23.83 -8.38 21.62
N VAL A 220 23.04 -7.83 22.55
CA VAL A 220 21.89 -8.59 23.02
C VAL A 220 20.77 -8.52 22.00
N PHE A 221 20.81 -7.55 21.09
CA PHE A 221 19.74 -7.42 20.11
C PHE A 221 19.89 -8.45 19.00
N PHE A 222 21.09 -8.58 18.43
CA PHE A 222 21.26 -9.45 17.28
C PHE A 222 21.26 -10.91 17.68
N SER A 223 21.52 -11.19 18.96
CA SER A 223 21.50 -12.57 19.43
C SER A 223 20.07 -13.11 19.51
N ILE A 224 19.12 -12.23 19.81
CA ILE A 224 17.72 -12.65 19.86
C ILE A 224 17.21 -12.93 18.45
N GLU A 225 17.68 -12.17 17.47
CA GLU A 225 17.29 -12.41 16.08
C GLU A 225 17.82 -13.74 15.57
N ILE A 226 18.95 -14.19 16.10
CA ILE A 226 19.44 -15.53 15.79
C ILE A 226 18.50 -16.58 16.37
N VAL A 227 17.96 -16.30 17.56
CA VAL A 227 16.97 -17.19 18.15
C VAL A 227 15.66 -17.12 17.37
N PHE A 228 15.24 -15.91 17.00
CA PHE A 228 13.89 -15.72 16.48
C PHE A 228 13.73 -16.30 15.08
N VAL A 229 14.77 -16.16 14.24
CA VAL A 229 14.74 -16.78 12.92
C VAL A 229 14.75 -18.29 13.04
N SER A 230 15.61 -18.83 13.91
CA SER A 230 15.87 -20.27 13.94
C SER A 230 14.67 -21.04 14.48
N VAL A 231 13.91 -20.46 15.40
CA VAL A 231 12.73 -21.15 15.86
C VAL A 231 11.57 -20.96 14.89
N GLN A 232 11.61 -19.92 14.07
CA GLN A 232 10.50 -19.68 13.18
C GLN A 232 10.59 -20.52 11.91
N THR A 233 11.81 -20.71 11.40
CA THR A 233 11.96 -21.51 10.18
C THR A 233 11.78 -22.99 10.49
N VAL A 234 11.95 -23.39 11.75
CA VAL A 234 11.59 -24.73 12.15
C VAL A 234 10.08 -24.88 12.16
N LEU A 235 9.38 -23.86 12.66
CA LEU A 235 7.93 -23.90 12.77
C LEU A 235 7.27 -23.91 11.39
N LEU A 236 7.72 -23.03 10.50
CA LEU A 236 7.05 -22.88 9.21
C LEU A 236 7.38 -24.04 8.28
N TRP A 237 8.47 -24.74 8.53
CA TRP A 237 8.72 -25.97 7.78
C TRP A 237 7.76 -27.07 8.23
N VAL A 238 7.43 -27.09 9.52
CA VAL A 238 6.57 -28.15 10.06
C VAL A 238 5.10 -27.79 9.87
N SER A 239 4.71 -26.58 10.26
CA SER A 239 3.32 -26.16 10.25
C SER A 239 2.94 -25.41 9.00
N CYS A 240 3.51 -25.76 7.85
CA CYS A 240 3.13 -25.10 6.61
C CYS A 240 1.74 -25.50 6.17
N LYS A 241 1.38 -26.77 6.38
CA LYS A 241 0.17 -27.34 5.80
C LYS A 241 -0.91 -27.67 6.83
N ASP A 242 -0.76 -27.23 8.07
CA ASP A 242 -1.69 -27.64 9.11
C ASP A 242 -2.96 -26.80 9.11
N CYS A 243 -4.08 -27.45 9.43
CA CYS A 243 -5.35 -26.78 9.66
C CYS A 243 -5.82 -27.12 11.06
N VAL A 244 -5.66 -26.16 11.97
CA VAL A 244 -5.85 -26.37 13.41
C VAL A 244 -7.34 -26.45 13.70
N GLN A 245 -7.74 -27.42 14.52
CA GLN A 245 -9.12 -27.54 14.94
C GLN A 245 -9.33 -27.49 16.45
N MET A 246 -8.27 -27.55 17.25
CA MET A 246 -8.46 -27.74 18.68
C MET A 246 -8.63 -26.41 19.41
N HIS A 247 -7.62 -25.55 19.36
CA HIS A 247 -7.63 -24.29 20.11
C HIS A 247 -7.58 -23.13 19.12
N HIS A 248 -8.76 -22.68 18.69
CA HIS A 248 -8.83 -21.67 17.64
C HIS A 248 -8.44 -20.30 18.17
N SER A 249 -8.81 -19.99 19.41
CA SER A 249 -8.72 -18.61 19.89
C SER A 249 -7.28 -18.22 20.19
N VAL A 250 -6.44 -19.17 20.58
CA VAL A 250 -5.06 -18.82 20.87
C VAL A 250 -4.20 -18.86 19.60
N THR A 251 -4.52 -19.72 18.64
CA THR A 251 -3.71 -19.81 17.43
C THR A 251 -3.95 -18.62 16.52
N ARG A 252 -5.19 -18.15 16.42
CA ARG A 252 -5.47 -16.94 15.67
C ARG A 252 -4.83 -15.71 16.33
N TYR A 253 -4.69 -15.70 17.64
CA TYR A 253 -3.90 -14.66 18.27
C TYR A 253 -2.41 -14.93 18.07
N GLY A 254 -2.02 -16.20 18.07
CA GLY A 254 -0.61 -16.52 18.03
C GLY A 254 0.03 -16.26 16.68
N ILE A 255 -0.74 -16.38 15.61
CA ILE A 255 -0.19 -16.14 14.28
C ILE A 255 -0.01 -14.65 14.05
N MET A 256 -1.02 -13.86 14.38
CA MET A 256 -0.97 -12.42 14.12
C MET A 256 0.04 -11.71 15.01
N LEU A 257 0.44 -12.33 16.12
CA LEU A 257 1.58 -11.82 16.87
C LEU A 257 2.86 -12.01 16.08
N THR A 258 3.03 -13.18 15.47
CA THR A 258 4.22 -13.42 14.67
C THR A 258 4.17 -12.65 13.35
N LEU A 259 2.98 -12.48 12.79
CA LEU A 259 2.87 -11.77 11.52
C LEU A 259 3.17 -10.29 11.70
N ALA A 260 2.76 -9.72 12.83
CA ALA A 260 3.10 -8.32 13.09
C ALA A 260 4.57 -8.18 13.47
N THR A 261 5.20 -9.27 13.91
CA THR A 261 6.62 -9.20 14.25
C THR A 261 7.48 -9.10 13.00
N ASP A 262 7.08 -9.77 11.94
CA ASP A 262 7.89 -9.79 10.72
C ASP A 262 7.80 -8.47 9.98
N ILE A 263 6.63 -7.86 9.94
CA ILE A 263 6.44 -6.62 9.19
C ILE A 263 7.21 -5.48 9.82
N LEU A 264 7.34 -5.48 11.14
CA LEU A 264 8.22 -4.51 11.78
C LEU A 264 9.68 -4.81 11.48
N LEU A 265 10.04 -6.08 11.32
CA LEU A 265 11.40 -6.40 10.93
C LEU A 265 11.65 -6.02 9.48
N TRP A 266 10.62 -6.07 8.64
CA TRP A 266 10.75 -5.58 7.27
C TRP A 266 10.88 -4.07 7.27
N LEU A 267 10.16 -3.39 8.15
CA LEU A 267 10.18 -1.94 8.16
C LEU A 267 11.46 -1.41 8.79
N THR A 268 11.99 -2.12 9.79
CA THR A 268 13.22 -1.68 10.44
C THR A 268 14.40 -1.82 9.50
N ALA A 269 14.40 -2.86 8.67
CA ALA A 269 15.53 -3.09 7.78
C ALA A 269 15.53 -2.15 6.59
N VAL A 270 14.37 -1.57 6.25
CA VAL A 270 14.32 -0.67 5.11
C VAL A 270 14.94 0.67 5.46
N ILE A 271 14.52 1.26 6.59
CA ILE A 271 14.95 2.60 6.96
C ILE A 271 16.23 2.45 7.77
N ASP A 272 17.35 2.31 7.07
CA ASP A 272 18.64 2.11 7.71
C ASP A 272 19.66 3.06 7.11
N ASP A 273 20.13 4.00 7.91
CA ASP A 273 21.10 4.99 7.46
C ASP A 273 22.46 4.33 7.35
N SER A 274 22.84 3.97 6.13
CA SER A 274 24.17 3.40 5.87
C SER A 274 25.13 4.56 5.61
N LEU A 275 25.56 5.20 6.69
CA LEU A 275 26.51 6.30 6.60
C LEU A 275 27.89 5.76 6.24
N GLU A 276 28.16 5.64 4.95
CA GLU A 276 29.37 5.00 4.48
C GLU A 276 30.56 5.95 4.57
N GLN A 277 31.73 5.45 4.14
CA GLN A 277 33.01 6.15 4.09
C GLN A 277 33.44 6.72 5.45
N ASP A 302 43.17 -0.70 11.78
CA ASP A 302 42.01 -0.85 10.90
C ASP A 302 42.30 -1.82 9.77
N SER A 303 43.34 -2.65 9.94
CA SER A 303 43.67 -3.63 8.92
C SER A 303 42.69 -4.79 8.89
N MET A 304 41.93 -5.00 9.97
CA MET A 304 40.90 -6.03 10.01
C MET A 304 39.49 -5.48 10.05
N CYS A 305 39.34 -4.17 10.26
CA CYS A 305 38.00 -3.58 10.31
C CYS A 305 37.46 -3.31 8.92
N TRP A 306 38.32 -2.82 8.02
CA TRP A 306 37.87 -2.39 6.70
C TRP A 306 37.49 -3.57 5.81
N GLY A 307 38.35 -4.59 5.76
CA GLY A 307 38.10 -5.72 4.88
C GLY A 307 36.95 -6.58 5.35
N LEU A 308 36.66 -6.55 6.65
CA LEU A 308 35.53 -7.28 7.20
C LEU A 308 34.21 -6.56 6.96
N LYS A 309 34.21 -5.24 6.84
CA LYS A 309 32.98 -4.47 6.79
C LYS A 309 32.67 -3.88 5.43
N GLN A 310 33.66 -3.27 4.77
CA GLN A 310 33.37 -2.43 3.61
C GLN A 310 32.98 -3.26 2.38
N GLY A 311 33.72 -4.34 2.11
CA GLY A 311 33.35 -5.21 1.01
C GLY A 311 32.24 -6.19 1.33
N TYR A 312 31.69 -6.12 2.55
CA TYR A 312 30.75 -7.15 2.98
C TYR A 312 29.31 -6.66 2.90
N VAL A 313 29.01 -5.51 3.50
CA VAL A 313 27.61 -5.10 3.66
C VAL A 313 26.99 -4.63 2.35
N THR A 314 27.77 -4.47 1.29
CA THR A 314 27.23 -4.17 -0.03
C THR A 314 26.77 -5.47 -0.70
N MET A 315 25.70 -6.03 -0.14
CA MET A 315 25.11 -7.25 -0.65
C MET A 315 23.60 -7.10 -0.74
N PHE A 316 22.97 -8.06 -1.39
CA PHE A 316 21.52 -8.17 -1.35
C PHE A 316 21.10 -8.53 0.05
N PRO A 317 20.23 -7.76 0.69
CA PRO A 317 19.83 -8.06 2.06
C PRO A 317 18.94 -9.29 2.13
N PHE A 318 19.31 -10.20 3.03
CA PHE A 318 18.61 -11.48 3.11
C PHE A 318 17.52 -11.50 4.15
N ASN A 319 17.70 -10.79 5.26
CA ASN A 319 16.69 -10.71 6.30
C ASN A 319 15.42 -10.04 5.82
N ILE A 320 15.52 -9.17 4.82
CA ILE A 320 14.32 -8.62 4.20
C ILE A 320 13.58 -9.69 3.41
N GLU A 321 14.33 -10.49 2.64
CA GLU A 321 13.73 -11.55 1.84
C GLU A 321 13.18 -12.66 2.72
N TYR A 322 13.79 -12.89 3.87
CA TYR A 322 13.25 -13.85 4.83
C TYR A 322 11.92 -13.36 5.39
N SER A 323 11.77 -12.04 5.50
CA SER A 323 10.57 -11.49 6.13
C SER A 323 9.37 -11.62 5.22
N LEU A 324 9.57 -11.54 3.91
CA LEU A 324 8.44 -11.66 3.00
C LEU A 324 7.93 -13.09 2.91
N ILE A 325 8.84 -14.05 2.99
CA ILE A 325 8.44 -15.45 2.85
C ILE A 325 7.68 -15.91 4.09
N CYS A 326 8.10 -15.46 5.27
CA CYS A 326 7.32 -15.75 6.46
C CYS A 326 6.02 -14.97 6.49
N ALA A 327 5.96 -13.84 5.78
CA ALA A 327 4.70 -13.11 5.68
C ALA A 327 3.72 -13.87 4.81
N THR A 328 4.16 -14.36 3.66
CA THR A 328 3.25 -15.06 2.77
C THR A 328 3.01 -16.51 3.17
N LEU A 329 3.68 -17.02 4.20
CA LEU A 329 3.35 -18.34 4.71
C LEU A 329 2.41 -18.28 5.90
N LEU A 330 2.56 -17.27 6.74
CA LEU A 330 1.69 -17.18 7.90
C LEU A 330 0.28 -16.77 7.51
N PHE A 331 0.12 -16.08 6.39
CA PHE A 331 -1.20 -15.61 6.01
C PHE A 331 -2.06 -16.74 5.46
N ILE A 332 -1.44 -17.69 4.75
CA ILE A 332 -2.21 -18.82 4.25
C ILE A 332 -2.58 -19.75 5.39
N MET A 333 -1.72 -19.84 6.41
CA MET A 333 -2.07 -20.62 7.59
C MET A 333 -3.17 -19.95 8.40
N TRP A 334 -3.11 -18.62 8.54
CA TRP A 334 -4.13 -17.88 9.26
C TRP A 334 -5.47 -17.92 8.53
N LYS A 335 -5.45 -18.04 7.22
CA LYS A 335 -6.70 -18.20 6.49
C LYS A 335 -7.27 -19.59 6.64
N ASN A 336 -6.42 -20.58 6.86
CA ASN A 336 -6.84 -21.97 6.82
C ASN A 336 -6.94 -22.60 8.19
N VAL A 337 -6.93 -21.80 9.25
CA VAL A 337 -7.22 -22.33 10.57
C VAL A 337 -8.73 -22.43 10.72
N GLY A 338 -9.19 -23.59 11.19
CA GLY A 338 -10.61 -23.81 11.29
C GLY A 338 -11.30 -24.07 9.97
N ARG A 339 -10.62 -24.71 9.03
CA ARG A 339 -11.24 -25.12 7.77
C ARG A 339 -11.77 -26.54 7.92
N ARG A 340 -13.01 -26.74 7.50
CA ARG A 340 -13.63 -28.06 7.63
C ARG A 340 -13.05 -29.02 6.61
N GLU A 341 -12.37 -30.06 7.12
CA GLU A 341 -11.79 -31.16 6.34
C GLU A 341 -10.83 -30.72 5.24
N UNK A 358 14.97 -37.74 4.98
CA UNK A 358 15.50 -36.43 5.33
C UNK A 358 16.82 -36.17 4.61
N UNK A 359 17.12 -37.00 3.62
CA UNK A 359 18.32 -36.83 2.81
C UNK A 359 18.13 -35.86 1.67
N UNK A 360 16.90 -35.44 1.40
CA UNK A 360 16.60 -34.45 0.37
C UNK A 360 16.44 -33.04 0.93
N UNK A 361 16.67 -32.86 2.24
CA UNK A 361 16.57 -31.55 2.86
C UNK A 361 17.90 -31.00 3.35
N UNK A 362 18.88 -31.86 3.61
CA UNK A 362 20.16 -31.42 4.14
C UNK A 362 21.06 -30.78 3.08
N UNK A 363 20.75 -30.94 1.80
CA UNK A 363 21.58 -30.36 0.75
C UNK A 363 21.32 -28.89 0.52
N UNK A 364 20.18 -28.37 0.98
CA UNK A 364 19.82 -26.98 0.70
C UNK A 364 20.65 -26.01 1.54
N UNK A 365 20.59 -26.16 2.86
CA UNK A 365 21.31 -25.25 3.75
C UNK A 365 22.81 -25.52 3.79
N UNK A 366 23.26 -26.66 3.27
CA UNK A 366 24.69 -26.95 3.26
C UNK A 366 25.41 -26.17 2.16
N UNK A 367 24.90 -26.25 0.93
CA UNK A 367 25.53 -25.58 -0.21
C UNK A 367 25.23 -24.09 -0.26
N UNK A 368 24.26 -23.61 0.52
CA UNK A 368 23.95 -22.17 0.51
C UNK A 368 25.04 -21.35 1.18
N UNK A 369 25.77 -21.95 2.14
CA UNK A 369 26.87 -21.26 2.78
C UNK A 369 28.04 -21.05 1.82
N UNK A 370 28.22 -21.95 0.85
CA UNK A 370 29.17 -21.69 -0.22
C UNK A 370 28.64 -20.62 -1.16
N UNK A 371 27.33 -20.58 -1.40
CA UNK A 371 26.76 -19.56 -2.25
C UNK A 371 26.74 -18.19 -1.57
N UNK A 372 26.53 -18.16 -0.25
CA UNK A 372 26.60 -16.91 0.48
C UNK A 372 28.03 -16.39 0.53
N UNK A 373 29.01 -17.29 0.65
CA UNK A 373 30.40 -16.89 0.59
C UNK A 373 30.84 -16.57 -0.83
N UNK A 374 30.11 -17.06 -1.84
CA UNK A 374 30.39 -16.68 -3.21
C UNK A 374 30.00 -15.23 -3.48
N UNK A 375 29.04 -14.70 -2.72
CA UNK A 375 28.67 -13.30 -2.85
C UNK A 375 29.80 -12.39 -2.36
N UNK A 376 30.48 -12.79 -1.29
CA UNK A 376 31.62 -12.03 -0.79
C UNK A 376 32.82 -12.13 -1.71
N UNK A 377 32.89 -13.16 -2.55
CA UNK A 377 34.02 -13.32 -3.45
C UNK A 377 33.99 -12.29 -4.58
N UNK A 378 32.79 -11.81 -4.94
CA UNK A 378 32.67 -10.89 -6.06
C UNK A 378 33.09 -9.47 -5.67
N UNK A 379 32.64 -9.00 -4.50
CA UNK A 379 32.95 -7.63 -4.09
C UNK A 379 34.39 -7.50 -3.62
N UNK A 380 34.96 -8.56 -3.04
CA UNK A 380 36.35 -8.51 -2.59
C UNK A 380 37.34 -8.70 -3.73
N UNK A 381 36.87 -9.04 -4.93
CA UNK A 381 37.73 -9.14 -6.10
C UNK A 381 37.72 -7.86 -6.94
N UNK A 382 37.50 -6.72 -6.30
CA UNK A 382 37.46 -5.45 -7.01
C UNK A 382 38.35 -4.42 -6.33
N UNK A 389 34.81 -1.87 -12.18
CA UNK A 389 35.45 -1.01 -13.16
C UNK A 389 34.42 -0.49 -14.16
N UNK A 390 34.84 0.43 -15.03
CA UNK A 390 33.96 0.92 -16.08
C UNK A 390 33.75 -0.12 -17.18
N UNK A 391 34.64 -1.10 -17.29
CA UNK A 391 34.45 -2.23 -18.18
C UNK A 391 33.92 -3.46 -17.46
N UNK A 392 34.15 -3.56 -16.15
CA UNK A 392 33.58 -4.67 -15.37
C UNK A 392 32.09 -4.47 -15.14
N UNK A 393 31.67 -3.25 -14.79
CA UNK A 393 30.24 -2.96 -14.67
C UNK A 393 29.56 -2.97 -16.03
N UNK A 394 30.31 -2.65 -17.09
CA UNK A 394 29.78 -2.81 -18.44
C UNK A 394 29.58 -4.29 -18.77
N UNK A 395 30.41 -5.17 -18.20
CA UNK A 395 30.14 -6.59 -18.31
C UNK A 395 29.04 -7.02 -17.36
N UNK A 396 28.89 -6.34 -16.22
CA UNK A 396 27.82 -6.68 -15.29
C UNK A 396 26.45 -6.35 -15.85
N UNK A 397 26.35 -5.24 -16.58
CA UNK A 397 25.11 -4.93 -17.27
C UNK A 397 24.94 -5.75 -18.52
N UNK A 398 26.01 -6.37 -19.02
CA UNK A 398 25.90 -7.22 -20.20
C UNK A 398 25.30 -8.58 -19.87
N UNK A 399 25.53 -9.07 -18.65
CA UNK A 399 25.04 -10.40 -18.28
C UNK A 399 23.52 -10.38 -18.09
N UNK A 400 22.98 -9.31 -17.50
CA UNK A 400 21.54 -9.19 -17.38
C UNK A 400 20.88 -8.93 -18.73
N UNK A 401 21.59 -8.24 -19.63
CA UNK A 401 21.02 -7.95 -20.93
C UNK A 401 20.99 -9.20 -21.81
N UNK A 402 22.06 -9.99 -21.79
CA UNK A 402 22.15 -11.14 -22.68
C UNK A 402 21.23 -12.27 -22.24
N UNK A 403 20.89 -12.33 -20.96
CA UNK A 403 20.04 -13.42 -20.47
C UNK A 403 18.57 -13.15 -20.79
N UNK A 404 18.11 -11.94 -20.53
CA UNK A 404 16.70 -11.60 -20.74
C UNK A 404 16.38 -11.22 -22.18
N UNK A 405 17.36 -11.28 -23.08
CA UNK A 405 17.16 -10.84 -24.46
C UNK A 405 16.21 -11.79 -25.20
N UNK A 406 16.49 -13.09 -25.15
CA UNK A 406 15.60 -14.05 -25.77
C UNK A 406 14.31 -14.23 -24.98
N UNK A 407 14.29 -13.84 -23.71
CA UNK A 407 13.11 -14.03 -22.87
C UNK A 407 11.96 -13.13 -23.30
N UNK A 408 12.27 -11.93 -23.81
CA UNK A 408 11.23 -11.10 -24.37
C UNK A 408 10.70 -11.69 -25.67
N UNK A 409 11.59 -12.28 -26.48
CA UNK A 409 11.17 -12.93 -27.70
C UNK A 409 10.51 -14.28 -27.44
N UNK A 410 10.72 -14.86 -26.26
CA UNK A 410 10.12 -16.14 -25.95
C UNK A 410 8.63 -16.00 -25.63
N UNK A 411 8.30 -15.23 -24.60
CA UNK A 411 6.92 -15.19 -24.12
C UNK A 411 5.99 -14.42 -25.04
N UNK A 412 6.53 -13.65 -25.99
CA UNK A 412 5.68 -12.98 -26.97
C UNK A 412 5.03 -13.99 -27.90
N UNK A 413 5.83 -14.92 -28.43
CA UNK A 413 5.27 -15.99 -29.24
C UNK A 413 4.46 -16.97 -28.42
N UNK A 414 4.75 -17.09 -27.12
CA UNK A 414 4.03 -18.01 -26.27
C UNK A 414 2.61 -17.52 -25.98
N UNK A 415 2.43 -16.21 -25.85
CA UNK A 415 1.10 -15.69 -25.61
C UNK A 415 0.22 -15.79 -26.86
N UNK A 416 0.84 -15.79 -28.04
CA UNK A 416 0.07 -15.88 -29.28
C UNK A 416 -0.48 -17.27 -29.50
N UNK A 417 0.25 -18.30 -29.05
CA UNK A 417 -0.21 -19.67 -29.22
C UNK A 417 -1.41 -19.99 -28.35
N UNK A 418 -1.59 -19.29 -27.23
CA UNK A 418 -2.80 -19.45 -26.45
C UNK A 418 -4.01 -18.83 -27.14
N UNK A 419 -3.78 -17.91 -28.07
CA UNK A 419 -4.85 -17.36 -28.88
C UNK A 419 -5.16 -18.22 -30.10
N UNK A 420 -4.14 -18.87 -30.68
CA UNK A 420 -4.36 -19.73 -31.83
C UNK A 420 -5.01 -21.05 -31.44
N UNK A 421 -4.85 -21.48 -30.18
CA UNK A 421 -5.48 -22.71 -29.73
C UNK A 421 -6.98 -22.57 -29.55
N UNK A 422 -7.47 -21.35 -29.32
CA UNK A 422 -8.89 -21.11 -29.16
C UNK A 422 -9.46 -20.51 -30.44
N ARG A 506 -4.84 -20.73 -4.76
CA ARG A 506 -4.84 -20.36 -6.17
C ARG A 506 -5.27 -18.91 -6.35
N LYS A 507 -6.28 -18.49 -5.59
CA LYS A 507 -6.77 -17.12 -5.71
C LYS A 507 -5.83 -16.12 -5.08
N LEU A 508 -4.99 -16.55 -4.14
CA LEU A 508 -3.96 -15.70 -3.55
C LEU A 508 -2.73 -15.60 -4.43
N ASP A 509 -2.59 -16.49 -5.41
CA ASP A 509 -1.43 -16.47 -6.28
C ASP A 509 -1.40 -15.27 -7.21
N VAL A 510 -2.56 -14.85 -7.70
CA VAL A 510 -2.58 -13.86 -8.77
C VAL A 510 -2.32 -12.46 -8.23
N THR A 511 -2.59 -12.22 -6.95
CA THR A 511 -2.26 -10.90 -6.41
C THR A 511 -0.79 -10.80 -6.06
N LEU A 512 -0.15 -11.92 -5.70
CA LEU A 512 1.28 -11.90 -5.41
C LEU A 512 2.12 -11.61 -6.63
N LEU A 513 1.58 -11.85 -7.81
CA LEU A 513 2.23 -11.48 -9.05
C LEU A 513 2.13 -9.99 -9.34
N PHE A 514 1.13 -9.31 -8.77
CA PHE A 514 0.91 -7.91 -9.03
C PHE A 514 1.52 -6.97 -8.00
N VAL A 515 1.68 -7.42 -6.75
CA VAL A 515 2.40 -6.61 -5.78
C VAL A 515 3.87 -6.53 -6.16
N SER A 516 4.38 -7.56 -6.84
CA SER A 516 5.74 -7.61 -7.35
C SER A 516 5.99 -6.69 -8.53
N ALA A 517 5.01 -5.88 -8.94
CA ALA A 517 5.24 -4.94 -10.03
C ALA A 517 6.20 -3.83 -9.64
N VAL A 518 6.29 -3.51 -8.34
CA VAL A 518 7.17 -2.45 -7.89
C VAL A 518 8.63 -2.82 -8.11
N GLY A 519 8.95 -4.11 -8.04
CA GLY A 519 10.32 -4.53 -8.19
C GLY A 519 10.82 -4.52 -9.62
N GLN A 520 9.92 -4.42 -10.59
CA GLN A 520 10.35 -4.38 -11.98
C GLN A 520 9.80 -3.19 -12.74
N LEU A 521 9.03 -2.31 -12.11
CA LEU A 521 8.55 -1.12 -12.78
C LEU A 521 8.88 0.14 -12.01
N GLY A 522 8.82 0.09 -10.68
CA GLY A 522 9.14 1.27 -9.89
C GLY A 522 10.63 1.57 -9.86
N ILE A 523 11.46 0.54 -9.81
CA ILE A 523 12.90 0.78 -9.76
C ILE A 523 13.45 1.10 -11.14
N SER A 524 12.70 0.77 -12.20
CA SER A 524 13.23 0.96 -13.54
C SER A 524 12.88 2.34 -14.08
N TYR A 525 11.62 2.75 -13.93
CA TYR A 525 11.18 4.06 -14.39
C TYR A 525 11.88 5.19 -13.65
N PHE A 526 12.27 4.95 -12.40
CA PHE A 526 13.11 5.91 -11.68
C PHE A 526 14.45 6.09 -12.37
N SER A 527 14.99 5.02 -12.96
CA SER A 527 16.31 5.11 -13.56
C SER A 527 16.27 5.63 -14.99
N ILE A 528 15.18 5.36 -15.71
CA ILE A 528 15.06 5.81 -17.10
C ILE A 528 15.01 7.33 -17.15
N ILE A 529 14.25 7.94 -16.24
CA ILE A 529 14.28 9.38 -16.07
C ILE A 529 15.67 9.83 -15.63
N ALA A 530 16.31 9.03 -14.79
CA ALA A 530 17.62 9.40 -14.26
C ALA A 530 18.73 9.31 -15.29
N THR A 531 18.52 8.68 -16.43
CA THR A 531 19.49 8.76 -17.52
C THR A 531 19.16 9.83 -18.53
N VAL A 532 17.88 10.17 -18.67
CA VAL A 532 17.47 11.14 -19.66
C VAL A 532 17.91 12.54 -19.26
N VAL A 533 17.63 12.94 -18.02
CA VAL A 533 17.91 14.32 -17.62
C VAL A 533 19.34 14.54 -17.19
N THR A 534 20.21 13.56 -17.35
CA THR A 534 21.64 13.82 -17.25
C THR A 534 22.13 14.50 -18.52
N THR A 535 23.03 15.46 -18.33
CA THR A 535 23.56 16.26 -19.43
C THR A 535 24.45 15.54 -20.46
N PRO A 536 25.49 14.76 -20.10
CA PRO A 536 26.52 14.46 -21.11
C PRO A 536 26.14 13.37 -22.11
N TRP A 537 25.21 12.47 -21.76
CA TRP A 537 24.75 11.35 -22.60
C TRP A 537 25.94 10.47 -23.04
N THR A 538 26.47 9.76 -22.05
CA THR A 538 27.61 8.88 -22.27
C THR A 538 27.25 7.71 -23.18
N MET A 539 28.28 6.97 -23.57
CA MET A 539 28.07 5.76 -24.37
C MET A 539 27.61 4.58 -23.52
N LEU A 540 27.60 4.71 -22.20
CA LEU A 540 27.00 3.71 -21.33
C LEU A 540 25.74 4.21 -20.62
N SER A 541 25.40 5.49 -20.75
CA SER A 541 24.12 5.95 -20.25
C SER A 541 22.99 5.34 -21.04
N ALA A 542 23.15 5.24 -22.36
CA ALA A 542 22.19 4.53 -23.18
C ALA A 542 22.25 3.03 -22.94
N LEU A 543 23.36 2.51 -22.42
CA LEU A 543 23.39 1.13 -21.98
C LEU A 543 22.54 0.96 -20.73
N ASN A 544 22.57 1.94 -19.82
CA ASN A 544 21.73 1.90 -18.64
C ASN A 544 20.26 2.10 -19.01
N PHE A 545 20.00 2.95 -20.00
CA PHE A 545 18.63 3.16 -20.47
C PHE A 545 18.10 1.93 -21.19
N SER A 546 18.95 1.22 -21.91
CA SER A 546 18.49 0.03 -22.60
C SER A 546 18.24 -1.12 -21.64
N ASN A 547 18.92 -1.11 -20.49
CA ASN A 547 18.71 -2.16 -19.51
C ASN A 547 17.34 -2.04 -18.86
N SER A 548 17.01 -0.84 -18.37
CA SER A 548 15.77 -0.64 -17.64
C SER A 548 14.56 -0.68 -18.56
N LEU A 549 14.72 -0.32 -19.83
CA LEU A 549 13.61 -0.45 -20.76
C LEU A 549 13.35 -1.90 -21.10
N LEU A 550 14.42 -2.70 -21.16
CA LEU A 550 14.25 -4.11 -21.46
C LEU A 550 13.66 -4.86 -20.28
N LEU A 551 13.81 -4.33 -19.08
CA LEU A 551 13.24 -4.98 -17.90
C LEU A 551 11.72 -4.87 -17.89
N ILE A 552 11.18 -3.80 -18.46
CA ILE A 552 9.73 -3.63 -18.49
C ILE A 552 9.10 -4.64 -19.43
N LEU A 553 9.72 -4.86 -20.59
CA LEU A 553 9.11 -5.69 -21.61
C LEU A 553 9.16 -7.16 -21.23
N GLN A 554 10.14 -7.56 -20.43
CA GLN A 554 10.15 -8.94 -19.95
C GLN A 554 9.08 -9.17 -18.90
N TYR A 555 8.70 -8.13 -18.17
CA TYR A 555 7.64 -8.24 -17.19
C TYR A 555 6.29 -8.46 -17.86
N LEU A 556 5.96 -7.61 -18.83
CA LEU A 556 4.64 -7.66 -19.43
C LEU A 556 4.49 -8.83 -20.39
N SER A 557 5.60 -9.43 -20.82
CA SER A 557 5.48 -10.64 -21.62
C SER A 557 5.26 -11.85 -20.73
N GLN A 558 6.01 -11.92 -19.63
CA GLN A 558 5.94 -13.10 -18.77
C GLN A 558 4.66 -13.15 -17.97
N THR A 559 4.08 -12.01 -17.65
CA THR A 559 2.90 -11.98 -16.79
C THR A 559 1.68 -12.50 -17.52
N MET A 560 1.44 -12.01 -18.74
CA MET A 560 0.27 -12.46 -19.51
C MET A 560 0.41 -13.91 -19.96
N PHE A 561 1.64 -14.40 -20.09
CA PHE A 561 1.83 -15.81 -20.41
C PHE A 561 1.41 -16.70 -19.26
N ILE A 562 1.62 -16.24 -18.03
CA ILE A 562 1.27 -17.06 -16.87
C ILE A 562 -0.24 -17.15 -16.70
N ILE A 563 -0.93 -16.01 -16.77
CA ILE A 563 -2.35 -16.00 -16.46
C ILE A 563 -3.16 -16.64 -17.59
N GLU A 564 -2.74 -16.45 -18.83
CA GLU A 564 -3.43 -17.11 -19.94
C GLU A 564 -3.19 -18.61 -19.92
N SER A 565 -2.05 -19.05 -19.39
CA SER A 565 -1.85 -20.47 -19.17
C SER A 565 -2.66 -20.96 -17.98
N MET A 566 -2.74 -20.15 -16.93
CA MET A 566 -3.43 -20.57 -15.72
C MET A 566 -4.93 -20.63 -15.92
N ARG A 567 -5.47 -19.80 -16.80
CA ARG A 567 -6.86 -19.97 -17.19
C ARG A 567 -7.02 -21.21 -18.06
N SER A 568 -6.02 -21.54 -18.87
CA SER A 568 -6.08 -22.67 -19.78
C SER A 568 -5.94 -24.01 -19.08
N ILE A 569 -5.70 -24.03 -17.78
CA ILE A 569 -5.69 -25.25 -16.99
C ILE A 569 -6.95 -25.39 -16.16
N HIS A 570 -7.43 -24.29 -15.58
CA HIS A 570 -8.62 -24.34 -14.74
C HIS A 570 -9.87 -24.67 -15.54
N GLU A 571 -9.94 -24.24 -16.79
CA GLU A 571 -11.14 -24.51 -17.59
C GLU A 571 -11.22 -25.96 -18.03
N GLU A 572 -10.11 -26.70 -17.97
CA GLU A 572 -10.08 -28.09 -18.42
C GLU A 572 -10.62 -29.06 -17.39
N GLU A 573 -11.21 -28.58 -16.30
CA GLU A 573 -12.02 -29.43 -15.43
C GLU A 573 -13.25 -29.92 -16.19
N LYS A 574 -14.07 -29.00 -16.68
CA LYS A 574 -15.27 -29.34 -17.42
C LYS A 574 -15.05 -29.14 -18.91
N GLY A 606 -2.66 -31.93 -29.53
CA GLY A 606 -2.26 -31.02 -30.59
C GLY A 606 -0.83 -30.53 -30.44
N LEU A 607 -0.23 -30.10 -31.56
CA LEU A 607 1.15 -29.62 -31.52
C LEU A 607 1.28 -28.21 -30.99
N SER A 608 0.18 -27.51 -30.75
CA SER A 608 0.24 -26.27 -30.01
C SER A 608 0.65 -26.51 -28.57
N ARG A 609 0.34 -27.69 -28.03
CA ARG A 609 0.80 -28.06 -26.70
C ARG A 609 2.31 -28.23 -26.67
N ARG A 610 2.91 -28.62 -27.80
CA ARG A 610 4.36 -28.69 -27.87
C ARG A 610 4.98 -27.31 -27.86
N VAL A 611 4.25 -26.29 -28.30
CA VAL A 611 4.76 -24.92 -28.25
C VAL A 611 4.78 -24.40 -26.83
N VAL A 612 3.73 -24.72 -26.06
CA VAL A 612 3.68 -24.31 -24.65
C VAL A 612 4.73 -25.05 -23.85
N LYS A 613 4.94 -26.33 -24.17
CA LYS A 613 5.89 -27.14 -23.42
C LYS A 613 7.33 -26.69 -23.64
N GLU A 614 7.65 -26.32 -24.88
CA GLU A 614 9.03 -25.90 -25.18
C GLU A 614 9.27 -24.49 -24.67
N MET A 615 8.21 -23.73 -24.40
CA MET A 615 8.38 -22.35 -23.97
C MET A 615 8.58 -22.26 -22.47
N ALA A 616 7.79 -23.01 -21.70
CA ALA A 616 7.91 -22.96 -20.25
C ALA A 616 9.21 -23.60 -19.78
N MET A 617 9.75 -24.53 -20.56
CA MET A 617 11.04 -25.14 -20.20
C MET A 617 12.17 -24.15 -20.37
N PHE A 618 12.08 -23.28 -21.38
CA PHE A 618 13.13 -22.29 -21.58
C PHE A 618 13.08 -21.20 -20.53
N LEU A 619 11.87 -20.84 -20.09
CA LEU A 619 11.73 -19.74 -19.13
C LEU A 619 12.21 -20.14 -17.75
N MET A 620 12.13 -21.43 -17.41
CA MET A 620 12.54 -21.85 -16.08
C MET A 620 14.05 -21.80 -15.92
N ILE A 621 14.79 -21.91 -17.02
CA ILE A 621 16.24 -21.88 -16.93
C ILE A 621 16.73 -20.45 -16.76
N CYS A 622 16.16 -19.52 -17.53
CA CYS A 622 16.64 -18.14 -17.49
C CYS A 622 16.20 -17.42 -16.22
N ASN A 623 15.06 -17.80 -15.65
CA ASN A 623 14.63 -17.20 -14.39
C ASN A 623 15.55 -17.60 -13.25
N ILE A 624 15.95 -18.88 -13.20
CA ILE A 624 16.95 -19.32 -12.23
C ILE A 624 18.29 -18.63 -12.48
N MET A 625 18.64 -18.46 -13.76
CA MET A 625 19.85 -17.70 -14.11
C MET A 625 19.72 -16.24 -13.70
N CYS A 626 18.49 -15.71 -13.75
CA CYS A 626 18.26 -14.35 -13.26
C CYS A 626 18.27 -14.30 -11.75
N TRP A 627 17.81 -15.37 -11.09
CA TRP A 627 17.62 -15.34 -9.64
C TRP A 627 18.95 -15.39 -8.91
N ILE A 628 19.87 -16.25 -9.34
CA ILE A 628 21.17 -16.38 -8.69
C ILE A 628 22.01 -15.14 -8.92
N LEU A 629 21.91 -14.56 -10.13
CA LEU A 629 22.55 -13.27 -10.36
C LEU A 629 21.81 -12.16 -9.63
N GLY A 630 20.53 -12.35 -9.37
CA GLY A 630 19.77 -11.37 -8.62
C GLY A 630 20.15 -11.35 -7.16
N ALA A 631 20.04 -12.49 -6.49
CA ALA A 631 20.29 -12.54 -5.06
C ALA A 631 21.78 -12.64 -4.76
N PHE A 632 22.42 -13.71 -5.18
CA PHE A 632 23.84 -13.94 -4.89
C PHE A 632 24.73 -13.33 -5.96
N GLY A 633 24.51 -12.06 -6.27
CA GLY A 633 25.33 -11.37 -7.24
C GLY A 633 25.78 -10.03 -6.68
N ALA A 634 26.31 -9.17 -7.55
CA ALA A 634 26.67 -7.84 -7.11
C ALA A 634 25.41 -7.01 -6.85
N HIS A 635 25.53 -6.07 -5.93
CA HIS A 635 24.49 -5.07 -5.73
C HIS A 635 24.75 -3.97 -6.75
N PRO A 636 24.03 -3.94 -7.87
CA PRO A 636 24.46 -3.14 -9.01
C PRO A 636 24.12 -1.67 -8.94
N LEU A 637 23.41 -1.23 -7.89
CA LEU A 637 22.97 0.15 -7.84
C LEU A 637 23.84 1.04 -6.98
N TYR A 638 24.53 0.48 -5.99
CA TYR A 638 25.60 1.24 -5.35
C TYR A 638 26.77 1.44 -6.31
N MET A 639 26.98 0.48 -7.22
CA MET A 639 27.98 0.66 -8.27
C MET A 639 27.52 1.64 -9.34
N ASN A 640 26.23 1.97 -9.38
CA ASN A 640 25.69 2.76 -10.48
C ASN A 640 26.13 4.22 -10.35
N GLY A 641 25.69 4.89 -9.29
CA GLY A 641 26.17 6.23 -9.00
C GLY A 641 25.60 7.34 -9.84
N LEU A 642 24.83 7.04 -10.89
CA LEU A 642 24.26 8.10 -11.70
C LEU A 642 23.06 8.73 -11.00
N GLU A 643 22.05 7.92 -10.69
CA GLU A 643 20.89 8.42 -9.97
C GLU A 643 21.21 8.71 -8.51
N ARG A 644 22.30 8.12 -7.99
CA ARG A 644 22.79 8.47 -6.66
C ARG A 644 23.29 9.91 -6.62
N GLN A 645 23.70 10.45 -7.78
CA GLN A 645 23.96 11.89 -7.88
C GLN A 645 22.69 12.68 -8.10
N LEU A 646 21.68 12.09 -8.75
CA LEU A 646 20.44 12.82 -9.01
C LEU A 646 19.53 12.78 -7.80
N TYR A 647 19.06 11.60 -7.42
CA TYR A 647 18.32 11.50 -6.17
C TYR A 647 19.29 11.48 -5.00
N GLY A 648 18.77 11.83 -3.84
CA GLY A 648 19.58 11.76 -2.62
C GLY A 648 19.84 10.33 -2.25
N SER A 649 21.10 10.03 -1.90
CA SER A 649 21.49 8.66 -1.56
C SER A 649 20.83 8.16 -0.28
N GLY A 650 20.42 9.08 0.61
CA GLY A 650 19.72 8.67 1.80
C GLY A 650 18.30 8.20 1.56
N ILE A 651 17.69 8.62 0.46
CA ILE A 651 16.33 8.21 0.16
C ILE A 651 16.25 7.36 -1.10
N TRP A 652 17.26 7.34 -1.95
CA TRP A 652 17.25 6.39 -3.05
C TRP A 652 17.56 4.99 -2.57
N LEU A 653 18.35 4.86 -1.51
CA LEU A 653 18.67 3.56 -0.94
C LEU A 653 17.45 2.91 -0.31
N ALA A 654 16.46 3.70 0.10
CA ALA A 654 15.21 3.12 0.58
C ALA A 654 14.41 2.48 -0.56
N ILE A 655 14.49 3.05 -1.76
CA ILE A 655 13.72 2.52 -2.87
C ILE A 655 14.32 1.21 -3.35
N LEU A 656 15.63 1.02 -3.17
CA LEU A 656 16.25 -0.26 -3.50
C LEU A 656 15.77 -1.34 -2.54
N ASN A 657 15.61 -1.00 -1.28
CA ASN A 657 15.22 -1.98 -0.26
C ASN A 657 13.73 -2.21 -0.21
N ILE A 658 12.97 -1.67 -1.16
CA ILE A 658 11.58 -2.07 -1.36
C ILE A 658 11.44 -2.95 -2.59
N GLY A 659 12.07 -2.57 -3.69
CA GLY A 659 11.87 -3.25 -4.96
C GLY A 659 12.74 -4.47 -5.20
N LEU A 660 14.02 -4.36 -4.86
CA LEU A 660 14.93 -5.48 -5.08
C LEU A 660 14.58 -6.75 -4.31
N PRO A 661 14.14 -6.73 -3.04
CA PRO A 661 13.61 -7.98 -2.48
C PRO A 661 12.27 -8.38 -3.07
N LEU A 662 11.49 -7.43 -3.57
CA LEU A 662 10.25 -7.81 -4.23
C LEU A 662 10.52 -8.42 -5.59
N SER A 663 11.57 -7.97 -6.27
CA SER A 663 11.85 -8.50 -7.61
C SER A 663 12.41 -9.91 -7.53
N VAL A 664 13.20 -10.20 -6.50
CA VAL A 664 13.74 -11.54 -6.32
C VAL A 664 12.63 -12.51 -5.92
N PHE A 665 11.70 -12.05 -5.09
CA PHE A 665 10.54 -12.86 -4.73
C PHE A 665 9.61 -13.08 -5.92
N TYR A 666 9.60 -12.15 -6.88
CA TYR A 666 8.82 -12.33 -8.09
C TYR A 666 9.32 -13.50 -8.91
N ARG A 667 10.63 -13.74 -8.93
CA ARG A 667 11.16 -14.84 -9.71
C ARG A 667 10.84 -16.19 -9.10
N MET A 668 11.08 -16.36 -7.79
CA MET A 668 10.87 -17.65 -7.14
C MET A 668 9.39 -18.02 -7.09
N HIS A 669 8.51 -17.02 -7.12
CA HIS A 669 7.09 -17.33 -7.18
C HIS A 669 6.67 -17.69 -8.60
N SER A 670 7.32 -17.11 -9.60
CA SER A 670 6.93 -17.35 -10.99
C SER A 670 7.40 -18.70 -11.48
N VAL A 671 8.55 -19.18 -10.99
CA VAL A 671 9.11 -20.46 -11.44
C VAL A 671 8.19 -21.61 -11.08
N GLY A 672 7.61 -21.56 -9.88
CA GLY A 672 6.71 -22.61 -9.44
C GLY A 672 5.42 -22.70 -10.23
N ILE A 673 4.95 -21.59 -10.79
CA ILE A 673 3.80 -21.66 -11.67
C ILE A 673 4.21 -22.23 -13.02
N LEU A 674 5.42 -21.91 -13.47
CA LEU A 674 5.93 -22.45 -14.72
C LEU A 674 6.18 -23.96 -14.62
N LEU A 675 6.56 -24.44 -13.44
CA LEU A 675 6.70 -25.87 -13.26
C LEU A 675 5.35 -26.57 -13.29
N GLU A 676 4.31 -25.88 -12.85
CA GLU A 676 2.96 -26.46 -12.87
C GLU A 676 2.42 -26.58 -14.28
N VAL A 677 2.66 -25.60 -15.13
CA VAL A 677 2.13 -25.69 -16.50
C VAL A 677 2.98 -26.65 -17.33
N TYR A 678 4.25 -26.83 -16.96
CA TYR A 678 5.10 -27.78 -17.65
C TYR A 678 4.68 -29.21 -17.35
N LEU A 679 4.41 -29.50 -16.09
CA LEU A 679 3.95 -30.83 -15.70
C LEU A 679 2.55 -31.12 -16.23
N HIS A 680 1.70 -30.09 -16.29
CA HIS A 680 0.36 -30.29 -16.83
C HIS A 680 0.39 -30.51 -18.33
N ALA A 681 1.36 -29.93 -19.02
CA ALA A 681 1.46 -30.13 -20.46
C ALA A 681 1.96 -31.53 -20.79
N LEU A 682 2.95 -32.03 -20.02
CA LEU A 682 3.53 -33.32 -20.33
C LEU A 682 2.63 -34.47 -19.89
N GLU A 683 1.63 -34.19 -19.07
CA GLU A 683 0.62 -35.18 -18.73
C GLU A 683 -0.76 -34.67 -19.09
N LYS B 109 -12.92 -11.64 -19.69
CA LYS B 109 -11.85 -11.71 -18.71
C LYS B 109 -10.50 -11.40 -19.33
N THR B 110 -10.31 -11.87 -20.56
CA THR B 110 -9.05 -11.64 -21.26
C THR B 110 -8.88 -10.17 -21.63
N GLY B 111 -9.97 -9.52 -22.00
CA GLY B 111 -9.92 -8.08 -22.25
C GLY B 111 -9.78 -7.29 -20.96
N ARG B 112 -10.19 -7.87 -19.84
CA ARG B 112 -10.02 -7.22 -18.55
C ARG B 112 -8.56 -7.18 -18.15
N LEU B 113 -7.85 -8.28 -18.34
CA LEU B 113 -6.41 -8.31 -18.06
C LEU B 113 -5.63 -7.46 -19.06
N PHE B 114 -6.05 -7.47 -20.32
CA PHE B 114 -5.39 -6.64 -21.32
C PHE B 114 -5.67 -5.16 -21.08
N SER B 115 -6.73 -4.85 -20.33
CA SER B 115 -6.92 -3.48 -19.86
C SER B 115 -6.24 -3.26 -18.52
N GLY B 116 -6.10 -4.32 -17.73
CA GLY B 116 -5.58 -4.16 -16.39
C GLY B 116 -4.11 -3.83 -16.36
N LEU B 117 -3.32 -4.47 -17.22
CA LEU B 117 -1.89 -4.22 -17.23
C LEU B 117 -1.56 -2.87 -17.86
N PHE B 118 -2.39 -2.43 -18.81
CA PHE B 118 -2.26 -1.05 -19.29
C PHE B 118 -2.63 -0.07 -18.20
N GLY B 119 -3.63 -0.41 -17.38
CA GLY B 119 -3.99 0.45 -16.28
C GLY B 119 -2.97 0.44 -15.16
N LEU B 120 -2.26 -0.67 -15.00
CA LEU B 120 -1.26 -0.75 -13.94
C LEU B 120 0.01 -0.05 -14.35
N ASN B 121 0.40 -0.17 -15.62
CA ASN B 121 1.65 0.42 -16.08
C ASN B 121 1.57 1.93 -16.14
N LEU B 122 0.38 2.47 -16.44
CA LEU B 122 0.26 3.89 -16.72
C LEU B 122 0.43 4.73 -15.46
N MET B 123 -0.11 4.27 -14.33
CA MET B 123 0.00 5.06 -13.12
C MET B 123 1.40 4.98 -12.54
N PHE B 124 2.11 3.88 -12.79
CA PHE B 124 3.50 3.80 -12.37
C PHE B 124 4.37 4.73 -13.19
N LEU B 125 4.10 4.80 -14.51
CA LEU B 125 4.83 5.75 -15.33
C LEU B 125 4.42 7.18 -15.02
N GLY B 126 3.16 7.38 -14.62
CA GLY B 126 2.75 8.69 -14.19
C GLY B 126 3.30 9.06 -12.83
N GLY B 127 3.22 8.13 -11.88
CA GLY B 127 3.64 8.44 -10.53
C GLY B 127 5.15 8.58 -10.38
N THR B 128 5.89 8.06 -11.36
CA THR B 128 7.33 8.27 -11.38
C THR B 128 7.67 9.73 -11.66
N VAL B 129 6.94 10.34 -12.59
CA VAL B 129 7.26 11.69 -13.04
C VAL B 129 6.97 12.71 -11.95
N VAL B 130 5.81 12.57 -11.30
CA VAL B 130 5.40 13.56 -10.32
C VAL B 130 6.18 13.40 -9.03
N SER B 131 6.83 12.25 -8.83
CA SER B 131 7.63 12.06 -7.63
C SER B 131 9.06 12.53 -7.85
N SER B 132 9.60 12.30 -9.04
CA SER B 132 10.98 12.65 -9.34
C SER B 132 11.19 14.16 -9.36
N VAL B 133 10.13 14.92 -9.61
CA VAL B 133 10.18 16.36 -9.39
C VAL B 133 10.40 16.67 -7.92
N ALA B 134 9.75 15.90 -7.04
CA ALA B 134 9.83 16.19 -5.61
C ALA B 134 11.10 15.66 -4.97
N LEU B 135 11.71 14.61 -5.54
CA LEU B 135 12.92 14.07 -4.93
C LEU B 135 14.16 14.89 -5.28
N SER B 136 14.19 15.49 -6.46
CA SER B 136 15.38 16.21 -6.88
C SER B 136 15.20 17.73 -6.76
N ASN B 137 14.14 18.26 -7.36
CA ASN B 137 13.72 19.66 -7.46
C ASN B 137 14.63 20.52 -8.33
N LYS B 138 15.75 19.99 -8.82
CA LYS B 138 16.74 20.82 -9.49
C LYS B 138 16.88 20.47 -10.96
N ALA B 139 17.03 19.19 -11.30
CA ALA B 139 17.19 18.82 -12.70
C ALA B 139 15.85 18.90 -13.44
N VAL B 140 14.86 18.12 -13.00
CA VAL B 140 13.55 18.18 -13.62
C VAL B 140 12.81 19.42 -13.12
N PRO B 141 12.12 20.14 -14.00
CA PRO B 141 11.38 21.32 -13.56
C PRO B 141 9.97 20.97 -13.11
N GLU B 142 9.28 21.99 -12.59
CA GLU B 142 7.96 21.80 -12.03
C GLU B 142 6.90 21.66 -13.11
N ARG B 143 7.19 22.09 -14.34
CA ARG B 143 6.17 22.13 -15.37
C ARG B 143 5.86 20.76 -15.94
N ASP B 144 6.82 19.82 -15.91
CA ASP B 144 6.56 18.52 -16.51
C ASP B 144 5.66 17.66 -15.65
N SER B 145 5.57 17.86 -14.34
CA SER B 145 4.59 17.03 -13.67
C SER B 145 3.22 17.48 -14.18
N GLN B 146 3.05 18.80 -14.19
CA GLN B 146 1.80 19.45 -14.60
C GLN B 146 1.42 19.29 -16.07
N SER B 147 2.40 19.43 -16.96
CA SER B 147 2.09 19.32 -18.38
C SER B 147 1.59 17.92 -18.69
N PHE B 148 2.26 16.92 -18.13
CA PHE B 148 1.86 15.55 -18.36
C PHE B 148 0.47 15.32 -17.77
N LEU B 149 0.22 15.86 -16.58
CA LEU B 149 -1.10 15.66 -16.00
C LEU B 149 -2.18 16.27 -16.90
N CYS B 150 -1.93 17.47 -17.42
CA CYS B 150 -2.92 18.11 -18.27
C CYS B 150 -3.17 17.31 -19.54
N ILE B 151 -2.11 16.80 -20.19
CA ILE B 151 -2.36 16.03 -21.41
C ILE B 151 -3.14 14.77 -21.10
N LEU B 152 -2.81 14.12 -19.99
CA LEU B 152 -3.52 12.90 -19.62
C LEU B 152 -5.00 13.19 -19.37
N MET B 153 -5.27 14.31 -18.70
CA MET B 153 -6.63 14.73 -18.42
C MET B 153 -7.45 15.04 -19.66
N LEU B 154 -6.84 15.66 -20.68
CA LEU B 154 -7.63 16.01 -21.87
C LEU B 154 -8.26 14.83 -22.59
N LEU B 155 -7.50 13.76 -22.73
CA LEU B 155 -7.91 12.51 -23.37
C LEU B 155 -8.92 11.76 -22.53
N SER B 156 -8.84 11.91 -21.21
CA SER B 156 -9.80 11.26 -20.34
C SER B 156 -11.17 11.92 -20.42
N SER B 157 -11.18 13.22 -20.72
CA SER B 157 -12.45 13.94 -20.78
C SER B 157 -13.19 13.63 -22.07
N VAL B 158 -12.48 13.52 -23.18
CA VAL B 158 -13.14 13.31 -24.47
C VAL B 158 -13.64 11.88 -24.59
N TRP B 159 -13.08 10.97 -23.79
CA TRP B 159 -13.68 9.64 -23.69
C TRP B 159 -15.01 9.71 -22.96
N ALA B 160 -15.08 10.55 -21.93
CA ALA B 160 -16.30 10.63 -21.13
C ALA B 160 -17.45 11.21 -21.93
N LEU B 161 -17.17 12.16 -22.81
CA LEU B 161 -18.19 12.64 -23.74
C LEU B 161 -18.56 11.55 -24.74
N TYR B 162 -17.58 10.79 -25.19
CA TYR B 162 -17.82 9.73 -26.15
C TYR B 162 -18.62 8.59 -25.53
N HIS B 163 -18.38 8.31 -24.25
CA HIS B 163 -19.20 7.31 -23.58
C HIS B 163 -20.59 7.84 -23.28
N LEU B 164 -20.70 9.15 -23.05
CA LEU B 164 -22.00 9.73 -22.70
C LEU B 164 -22.92 9.81 -23.91
N LEU B 165 -22.45 10.42 -25.00
CA LEU B 165 -23.34 10.72 -26.10
C LEU B 165 -23.59 9.51 -26.98
N PHE B 166 -22.53 8.84 -27.42
CA PHE B 166 -22.65 7.88 -28.50
C PHE B 166 -22.68 6.43 -28.03
N ILE B 167 -22.57 6.17 -26.73
CA ILE B 167 -22.44 4.83 -26.21
C ILE B 167 -23.59 4.48 -25.27
N ARG B 168 -23.84 5.33 -24.28
CA ARG B 168 -24.86 5.01 -23.27
C ARG B 168 -26.27 5.16 -23.86
N ASN B 169 -26.48 6.13 -24.74
CA ASN B 169 -27.80 6.37 -25.29
C ASN B 169 -28.22 5.29 -26.27
N GLN B 170 -27.28 4.53 -26.81
CA GLN B 170 -27.62 3.37 -27.61
C GLN B 170 -28.15 2.26 -26.72
N ASN B 171 -28.86 1.32 -27.32
CA ASN B 171 -29.39 0.18 -26.58
C ASN B 171 -28.28 -0.81 -26.26
N GLY B 172 -28.30 -1.33 -25.03
CA GLY B 172 -27.28 -2.27 -24.61
C GLY B 172 -26.45 -1.83 -23.42
N ALA B 173 -27.04 -1.06 -22.52
CA ALA B 173 -26.41 -0.67 -21.26
C ALA B 173 -27.37 -1.03 -20.14
N VAL B 174 -27.15 -2.19 -19.53
CA VAL B 174 -28.12 -2.76 -18.58
C VAL B 174 -28.04 -2.02 -17.26
N HIS B 175 -29.18 -1.54 -16.79
CA HIS B 175 -29.30 -0.88 -15.50
C HIS B 175 -29.05 -1.88 -14.37
N HIS B 176 -28.46 -1.40 -13.29
CA HIS B 176 -28.29 -2.19 -12.06
C HIS B 176 -29.22 -1.58 -11.03
N ASP B 177 -30.37 -2.21 -10.84
CA ASP B 177 -31.39 -1.69 -9.94
C ASP B 177 -31.03 -1.89 -8.47
N HIS B 178 -30.23 -2.92 -8.17
CA HIS B 178 -30.26 -3.46 -6.81
C HIS B 178 -29.42 -2.63 -5.84
N HIS B 179 -28.09 -2.63 -6.00
CA HIS B 179 -27.32 -1.77 -5.11
C HIS B 179 -26.52 -0.71 -5.87
N ALA B 180 -25.55 -1.16 -6.67
CA ALA B 180 -24.79 -0.36 -7.64
C ALA B 180 -24.17 0.93 -7.07
N GLY B 181 -23.93 0.96 -5.77
CA GLY B 181 -23.56 2.24 -5.20
C GLY B 181 -24.77 3.12 -4.93
N ALA B 182 -24.83 3.65 -3.72
CA ALA B 182 -26.06 4.27 -3.26
C ALA B 182 -25.97 5.79 -3.32
N MET B 183 -26.97 6.43 -2.69
CA MET B 183 -27.20 7.86 -2.87
C MET B 183 -26.09 8.71 -2.26
N TRP B 184 -25.59 8.32 -1.08
CA TRP B 184 -24.58 9.13 -0.40
C TRP B 184 -23.27 9.16 -1.16
N LEU B 185 -22.95 8.07 -1.86
CA LEU B 185 -21.71 8.05 -2.63
C LEU B 185 -21.86 8.91 -3.86
N LYS B 186 -23.08 9.05 -4.38
CA LYS B 186 -23.34 10.03 -5.41
C LYS B 186 -23.37 11.43 -4.82
N ALA B 187 -23.90 11.58 -3.60
CA ALA B 187 -24.10 12.90 -3.02
C ALA B 187 -22.78 13.51 -2.57
N SER B 188 -21.93 12.71 -1.94
CA SER B 188 -20.63 13.22 -1.48
C SER B 188 -19.71 13.51 -2.66
N LEU B 189 -19.95 12.86 -3.79
CA LEU B 189 -19.30 13.26 -5.03
C LEU B 189 -19.76 14.65 -5.44
N ALA B 190 -21.05 14.94 -5.29
CA ALA B 190 -21.59 16.21 -5.76
C ALA B 190 -21.17 17.36 -4.86
N ILE B 191 -21.09 17.09 -3.55
CA ILE B 191 -20.67 18.14 -2.61
C ILE B 191 -19.18 18.43 -2.79
N PHE B 192 -18.35 17.40 -2.70
CA PHE B 192 -16.91 17.62 -2.67
C PHE B 192 -16.36 17.99 -4.03
N GLY B 193 -17.14 17.77 -5.09
CA GLY B 193 -16.70 18.20 -6.40
C GLY B 193 -16.75 19.70 -6.58
N VAL B 194 -17.86 20.31 -6.17
CA VAL B 194 -18.06 21.73 -6.45
C VAL B 194 -17.25 22.60 -5.50
N CYS B 195 -16.87 22.06 -4.34
CA CYS B 195 -15.95 22.79 -3.48
C CYS B 195 -14.54 22.78 -4.05
N SER B 196 -14.21 21.76 -4.85
CA SER B 196 -12.93 21.78 -5.54
C SER B 196 -12.93 22.80 -6.67
N ILE B 197 -14.12 23.15 -7.16
CA ILE B 197 -14.21 24.16 -8.21
C ILE B 197 -13.92 25.54 -7.65
N ILE B 198 -14.51 25.87 -6.50
CA ILE B 198 -14.31 27.18 -5.89
C ILE B 198 -12.89 27.31 -5.36
N LEU B 199 -12.28 26.20 -4.93
CA LEU B 199 -10.91 26.24 -4.48
C LEU B 199 -9.95 26.48 -5.64
N SER B 200 -10.33 26.02 -6.83
CA SER B 200 -9.55 26.36 -8.01
C SER B 200 -9.89 27.76 -8.50
N ILE B 201 -11.13 28.20 -8.28
CA ILE B 201 -11.52 29.55 -8.67
C ILE B 201 -10.81 30.57 -7.80
N PHE B 202 -10.71 30.30 -6.50
CA PHE B 202 -9.98 31.20 -5.60
C PHE B 202 -8.49 31.15 -5.87
N GLU B 203 -8.00 30.03 -6.41
CA GLU B 203 -6.60 29.95 -6.77
C GLU B 203 -6.29 30.77 -8.00
N ILE B 204 -7.18 30.73 -8.99
CA ILE B 204 -6.87 31.33 -10.28
C ILE B 204 -7.00 32.86 -10.22
N GLY B 205 -7.75 33.37 -9.24
CA GLY B 205 -7.77 34.80 -9.03
C GLY B 205 -6.49 35.31 -8.39
N HIS B 206 -5.91 34.49 -7.52
CA HIS B 206 -4.62 34.84 -6.91
C HIS B 206 -3.52 34.86 -7.94
N ALA B 207 -3.60 33.98 -8.94
CA ALA B 207 -2.58 33.93 -9.98
C ALA B 207 -2.62 35.17 -10.85
N LEU B 208 -3.81 35.73 -11.06
CA LEU B 208 -3.93 36.96 -11.83
C LEU B 208 -3.45 38.16 -11.03
N LEU B 209 -4.09 38.39 -9.88
CA LEU B 209 -3.76 39.53 -9.01
C LEU B 209 -2.50 39.16 -8.24
N LEU B 210 -1.35 39.29 -8.90
CA LEU B 210 -0.12 38.71 -8.40
C LEU B 210 1.06 39.58 -8.79
N GLN B 211 2.15 39.44 -8.03
CA GLN B 211 3.46 39.95 -8.37
C GLN B 211 3.92 39.42 -9.73
N ASN B 212 4.87 40.13 -10.34
CA ASN B 212 5.42 39.74 -11.63
C ASN B 212 6.19 38.43 -11.54
N CYS B 213 5.59 37.37 -12.07
CA CYS B 213 6.12 36.01 -11.97
C CYS B 213 5.77 35.30 -13.27
N GLU B 214 5.79 33.97 -13.23
CA GLU B 214 5.44 33.16 -14.39
C GLU B 214 3.96 33.35 -14.75
N ILE B 215 3.69 33.51 -16.04
CA ILE B 215 2.34 33.72 -16.55
C ILE B 215 1.92 32.52 -17.37
N LEU B 216 0.65 32.13 -17.22
CA LEU B 216 -0.13 31.31 -18.14
C LEU B 216 0.23 29.83 -18.19
N MET B 217 1.22 29.39 -17.42
CA MET B 217 1.45 27.94 -17.33
C MET B 217 0.52 27.33 -16.29
N ASP B 218 0.49 27.91 -15.09
CA ASP B 218 -0.45 27.44 -14.09
C ASP B 218 -1.87 27.85 -14.43
N ILE B 219 -2.02 28.96 -15.14
CA ILE B 219 -3.36 29.46 -15.48
C ILE B 219 -4.01 28.57 -16.53
N VAL B 220 -3.21 28.03 -17.45
CA VAL B 220 -3.77 27.05 -18.36
C VAL B 220 -3.89 25.70 -17.66
N PHE B 221 -3.18 25.51 -16.56
CA PHE B 221 -3.24 24.22 -15.87
C PHE B 221 -4.52 24.10 -15.05
N PHE B 222 -4.84 25.12 -14.25
CA PHE B 222 -5.98 25.02 -13.36
C PHE B 222 -7.29 25.14 -14.09
N SER B 223 -7.27 25.71 -15.30
CA SER B 223 -8.49 25.83 -16.09
C SER B 223 -8.91 24.47 -16.64
N ILE B 224 -7.94 23.61 -16.94
CA ILE B 224 -8.27 22.27 -17.43
C ILE B 224 -8.86 21.43 -16.30
N GLU B 225 -8.38 21.64 -15.08
CA GLU B 225 -8.94 20.91 -13.93
C GLU B 225 -10.38 21.32 -13.67
N ILE B 226 -10.75 22.56 -13.99
CA ILE B 226 -12.14 22.97 -13.92
C ILE B 226 -12.96 22.21 -14.95
N VAL B 227 -12.38 21.98 -16.12
CA VAL B 227 -13.05 21.18 -17.14
C VAL B 227 -13.10 19.72 -16.72
N PHE B 228 -12.01 19.20 -16.16
CA PHE B 228 -11.88 17.76 -15.96
C PHE B 228 -12.78 17.28 -14.83
N VAL B 229 -12.90 18.06 -13.76
CA VAL B 229 -13.82 17.71 -12.69
C VAL B 229 -15.26 17.78 -13.17
N SER B 230 -15.61 18.83 -13.91
CA SER B 230 -17.00 19.12 -14.23
C SER B 230 -17.57 18.11 -15.22
N VAL B 231 -16.74 17.58 -16.12
CA VAL B 231 -17.23 16.56 -17.02
C VAL B 231 -17.23 15.20 -16.36
N GLN B 232 -16.42 15.02 -15.30
CA GLN B 232 -16.35 13.71 -14.68
C GLN B 232 -17.48 13.51 -13.69
N THR B 233 -17.86 14.55 -12.95
CA THR B 233 -18.93 14.41 -11.97
C THR B 233 -20.28 14.33 -12.67
N VAL B 234 -20.37 14.81 -13.91
CA VAL B 234 -21.56 14.58 -14.71
C VAL B 234 -21.61 13.12 -15.13
N LEU B 235 -20.48 12.56 -15.51
CA LEU B 235 -20.42 11.18 -15.97
C LEU B 235 -20.73 10.20 -14.85
N LEU B 236 -20.12 10.41 -13.68
CA LEU B 236 -20.26 9.43 -12.60
C LEU B 236 -21.62 9.53 -11.94
N TRP B 237 -22.30 10.67 -12.09
CA TRP B 237 -23.67 10.73 -11.63
C TRP B 237 -24.58 9.93 -12.56
N VAL B 238 -24.27 9.93 -13.85
CA VAL B 238 -25.13 9.25 -14.82
C VAL B 238 -24.75 7.78 -14.92
N SER B 239 -23.47 7.49 -15.08
CA SER B 239 -23.00 6.13 -15.31
C SER B 239 -22.55 5.43 -14.04
N CYS B 240 -23.21 5.70 -12.91
CA CYS B 240 -22.84 5.02 -11.68
C CYS B 240 -23.28 3.57 -11.70
N LYS B 241 -24.43 3.29 -12.30
CA LYS B 241 -25.07 1.98 -12.20
C LYS B 241 -25.08 1.20 -13.50
N ASP B 242 -24.36 1.65 -14.52
CA ASP B 242 -24.47 1.01 -15.83
C ASP B 242 -23.59 -0.23 -15.93
N CYS B 243 -24.08 -1.23 -16.66
CA CYS B 243 -23.31 -2.42 -17.02
C CYS B 243 -23.27 -2.52 -18.54
N VAL B 244 -22.13 -2.15 -19.11
CA VAL B 244 -21.98 -1.96 -20.56
C VAL B 244 -21.91 -3.34 -21.21
N GLN B 245 -22.62 -3.51 -22.32
CA GLN B 245 -22.58 -4.74 -23.08
C GLN B 245 -22.15 -4.57 -24.53
N MET B 246 -22.06 -3.35 -25.04
CA MET B 246 -21.88 -3.17 -26.48
C MET B 246 -20.41 -3.17 -26.87
N HIS B 247 -19.63 -2.22 -26.37
CA HIS B 247 -18.24 -2.05 -26.76
C HIS B 247 -17.36 -2.27 -25.53
N HIS B 248 -16.98 -3.52 -25.30
CA HIS B 248 -16.24 -3.86 -24.09
C HIS B 248 -14.80 -3.38 -24.14
N SER B 249 -14.19 -3.43 -25.33
CA SER B 249 -12.74 -3.24 -25.40
C SER B 249 -12.35 -1.78 -25.23
N VAL B 250 -13.22 -0.85 -25.63
CA VAL B 250 -12.88 0.55 -25.48
C VAL B 250 -13.27 1.07 -24.09
N THR B 251 -14.32 0.53 -23.48
CA THR B 251 -14.75 1.01 -22.17
C THR B 251 -13.80 0.53 -21.08
N ARG B 252 -13.31 -0.69 -21.18
CA ARG B 252 -12.30 -1.16 -20.24
C ARG B 252 -10.99 -0.41 -20.39
N TYR B 253 -10.66 0.06 -21.59
CA TYR B 253 -9.54 0.97 -21.72
C TYR B 253 -9.92 2.36 -21.25
N GLY B 254 -11.17 2.76 -21.46
CA GLY B 254 -11.57 4.12 -21.15
C GLY B 254 -11.68 4.40 -19.67
N ILE B 255 -12.01 3.39 -18.88
CA ILE B 255 -12.13 3.59 -17.44
C ILE B 255 -10.76 3.69 -16.81
N MET B 256 -9.85 2.78 -17.18
CA MET B 256 -8.53 2.75 -16.56
C MET B 256 -7.68 3.93 -16.97
N LEU B 257 -8.03 4.60 -18.06
CA LEU B 257 -7.41 5.89 -18.37
C LEU B 257 -7.85 6.94 -17.37
N THR B 258 -9.13 6.96 -17.04
CA THR B 258 -9.62 7.92 -16.05
C THR B 258 -9.20 7.54 -14.65
N LEU B 259 -9.11 6.24 -14.36
CA LEU B 259 -8.72 5.80 -13.02
C LEU B 259 -7.26 6.12 -12.75
N ALA B 260 -6.41 6.00 -13.77
CA ALA B 260 -5.02 6.38 -13.60
C ALA B 260 -4.85 7.89 -13.55
N THR B 261 -5.83 8.63 -14.07
CA THR B 261 -5.75 10.08 -14.03
C THR B 261 -6.01 10.61 -12.63
N ASP B 262 -6.90 9.96 -11.89
CA ASP B 262 -7.25 10.44 -10.56
C ASP B 262 -6.14 10.16 -9.55
N ILE B 263 -5.50 8.99 -9.66
CA ILE B 263 -4.49 8.61 -8.69
C ILE B 263 -3.27 9.51 -8.81
N LEU B 264 -2.94 9.96 -10.02
CA LEU B 264 -1.90 10.95 -10.15
C LEU B 264 -2.33 12.30 -9.60
N LEU B 265 -3.62 12.62 -9.67
CA LEU B 265 -4.08 13.84 -9.05
C LEU B 265 -4.09 13.72 -7.54
N TRP B 266 -4.29 12.51 -7.02
CA TRP B 266 -4.16 12.30 -5.58
C TRP B 266 -2.70 12.40 -5.16
N LEU B 267 -1.79 11.91 -6.00
CA LEU B 267 -0.38 11.91 -5.64
C LEU B 267 0.22 13.31 -5.79
N THR B 268 -0.25 14.08 -6.78
CA THR B 268 0.27 15.43 -6.97
C THR B 268 -0.15 16.33 -5.83
N ALA B 269 -1.37 16.15 -5.33
CA ALA B 269 -1.86 17.02 -4.27
C ALA B 269 -1.23 16.70 -2.93
N VAL B 270 -0.70 15.49 -2.73
CA VAL B 270 -0.10 15.15 -1.45
C VAL B 270 1.26 15.82 -1.31
N ILE B 271 2.11 15.69 -2.32
CA ILE B 271 3.48 16.17 -2.23
C ILE B 271 3.46 17.62 -2.71
N ASP B 272 3.12 18.53 -1.81
CA ASP B 272 3.01 19.95 -2.16
C ASP B 272 3.73 20.77 -1.10
N ASP B 273 4.82 21.41 -1.50
CA ASP B 273 5.62 22.22 -0.60
C ASP B 273 4.89 23.52 -0.32
N SER B 274 4.21 23.60 0.82
CA SER B 274 3.54 24.82 1.25
C SER B 274 4.55 25.67 2.02
N LEU B 275 5.42 26.35 1.27
CA LEU B 275 6.41 27.23 1.86
C LEU B 275 5.74 28.48 2.39
N GLU B 276 5.29 28.43 3.65
CA GLU B 276 4.49 29.49 4.22
C GLU B 276 5.38 30.66 4.66
N GLN B 277 4.73 31.68 5.23
CA GLN B 277 5.33 32.90 5.74
C GLN B 277 6.20 33.65 4.73
N ASP B 302 0.08 44.75 -0.66
CA ASP B 302 -0.22 43.41 -0.16
C ASP B 302 -1.45 43.42 0.73
N SER B 303 -2.26 44.48 0.62
CA SER B 303 -3.49 44.57 1.40
C SER B 303 -4.57 43.62 0.90
N MET B 304 -4.47 43.15 -0.34
CA MET B 304 -5.41 42.19 -0.90
C MET B 304 -4.78 40.82 -1.14
N CYS B 305 -3.46 40.70 -1.04
CA CYS B 305 -2.81 39.41 -1.27
C CYS B 305 -2.87 38.54 -0.03
N TRP B 306 -2.65 39.15 1.15
CA TRP B 306 -2.53 38.37 2.38
C TRP B 306 -3.88 37.81 2.83
N GLY B 307 -4.93 38.64 2.83
CA GLY B 307 -6.22 38.19 3.31
C GLY B 307 -6.88 37.20 2.38
N LEU B 308 -6.52 37.25 1.09
CA LEU B 308 -7.03 36.30 0.12
C LEU B 308 -6.33 34.95 0.20
N LYS B 309 -5.08 34.91 0.65
CA LYS B 309 -4.29 33.69 0.57
C LYS B 309 -4.04 33.05 1.93
N GLN B 310 -3.66 33.82 2.94
CA GLN B 310 -3.11 33.25 4.17
C GLN B 310 -4.20 32.58 5.01
N GLY B 311 -5.35 33.24 5.18
CA GLY B 311 -6.44 32.62 5.91
C GLY B 311 -7.25 31.64 5.08
N TYR B 312 -6.86 31.41 3.83
CA TYR B 312 -7.70 30.62 2.94
C TYR B 312 -7.18 29.19 2.78
N VAL B 313 -5.90 29.04 2.43
CA VAL B 313 -5.40 27.72 2.05
C VAL B 313 -5.24 26.79 3.24
N THR B 314 -5.37 27.28 4.47
CA THR B 314 -5.38 26.42 5.65
C THR B 314 -6.78 25.82 5.83
N MET B 315 -7.13 24.94 4.92
CA MET B 315 -8.41 24.25 4.94
C MET B 315 -8.21 22.76 4.68
N PHE B 316 -9.28 22.02 4.91
CA PHE B 316 -9.30 20.62 4.50
C PHE B 316 -9.29 20.57 2.98
N PRO B 317 -8.34 19.87 2.37
CA PRO B 317 -8.27 19.83 0.90
C PRO B 317 -9.41 19.00 0.32
N PHE B 318 -10.09 19.59 -0.66
CA PHE B 318 -11.27 18.96 -1.22
C PHE B 318 -10.98 18.16 -2.47
N ASN B 319 -10.03 18.60 -3.28
CA ASN B 319 -9.65 17.88 -4.49
C ASN B 319 -9.05 16.52 -4.19
N ILE B 320 -8.47 16.35 -3.01
CA ILE B 320 -8.02 15.03 -2.59
C ILE B 320 -9.23 14.14 -2.29
N GLU B 321 -10.22 14.68 -1.58
CA GLU B 321 -11.41 13.91 -1.25
C GLU B 321 -12.25 13.61 -2.48
N TYR B 322 -12.21 14.50 -3.47
CA TYR B 322 -12.88 14.22 -4.73
C TYR B 322 -12.21 13.07 -5.46
N SER B 323 -10.89 12.93 -5.29
CA SER B 323 -10.16 11.92 -6.02
C SER B 323 -10.44 10.53 -5.50
N LEU B 324 -10.70 10.40 -4.19
CA LEU B 324 -10.97 9.07 -3.65
C LEU B 324 -12.35 8.58 -4.06
N ILE B 325 -13.31 9.49 -4.14
CA ILE B 325 -14.68 9.09 -4.46
C ILE B 325 -14.78 8.68 -5.92
N CYS B 326 -14.08 9.37 -6.80
CA CYS B 326 -14.03 8.92 -8.19
C CYS B 326 -13.20 7.65 -8.33
N ALA B 327 -12.28 7.40 -7.41
CA ALA B 327 -11.54 6.15 -7.44
C ALA B 327 -12.44 4.98 -7.06
N THR B 328 -13.21 5.13 -5.99
CA THR B 328 -14.07 4.05 -5.56
C THR B 328 -15.37 3.94 -6.34
N LEU B 329 -15.63 4.84 -7.28
CA LEU B 329 -16.78 4.67 -8.16
C LEU B 329 -16.38 4.06 -9.49
N LEU B 330 -15.20 4.39 -9.99
CA LEU B 330 -14.78 3.84 -11.28
C LEU B 330 -14.43 2.37 -11.15
N PHE B 331 -14.02 1.93 -9.96
CA PHE B 331 -13.59 0.55 -9.81
C PHE B 331 -14.78 -0.40 -9.79
N ILE B 332 -15.90 0.03 -9.20
CA ILE B 332 -17.09 -0.82 -9.21
C ILE B 332 -17.69 -0.89 -10.60
N MET B 333 -17.57 0.20 -11.37
CA MET B 333 -18.01 0.16 -12.76
C MET B 333 -17.11 -0.71 -13.61
N TRP B 334 -15.80 -0.63 -13.39
CA TRP B 334 -14.85 -1.46 -14.14
C TRP B 334 -15.01 -2.93 -13.80
N LYS B 335 -15.44 -3.23 -12.58
CA LYS B 335 -15.71 -4.62 -12.24
C LYS B 335 -16.99 -5.13 -12.87
N ASN B 336 -17.94 -4.23 -13.12
CA ASN B 336 -19.28 -4.62 -13.53
C ASN B 336 -19.54 -4.38 -15.00
N VAL B 337 -18.51 -4.11 -15.78
CA VAL B 337 -18.69 -4.06 -17.22
C VAL B 337 -18.68 -5.48 -17.76
N GLY B 338 -19.66 -5.79 -18.60
CA GLY B 338 -19.78 -7.14 -19.09
C GLY B 338 -20.32 -8.13 -18.09
N ARG B 339 -21.21 -7.70 -17.20
CA ARG B 339 -21.87 -8.61 -16.29
C ARG B 339 -23.18 -9.07 -16.91
N ARG B 340 -23.42 -10.38 -16.87
CA ARG B 340 -24.64 -10.93 -17.47
C ARG B 340 -25.85 -10.59 -16.60
N GLU B 341 -26.76 -9.80 -17.17
CA GLU B 341 -28.05 -9.42 -16.58
C GLU B 341 -27.93 -8.76 -15.20
N UNK B 358 -36.07 16.25 -10.40
CA UNK B 358 -34.74 16.84 -10.27
C UNK B 358 -34.73 17.93 -9.21
N UNK B 359 -35.79 17.99 -8.41
CA UNK B 359 -35.88 18.94 -7.32
C UNK B 359 -35.22 18.47 -6.05
N UNK B 360 -34.81 17.20 -6.00
CA UNK B 360 -34.09 16.64 -4.86
C UNK B 360 -32.59 16.61 -5.08
N UNK B 361 -32.10 17.15 -6.20
CA UNK B 361 -30.67 17.19 -6.48
C UNK B 361 -30.09 18.59 -6.48
N UNK B 362 -30.90 19.62 -6.69
CA UNK B 362 -30.41 20.99 -6.77
C UNK B 362 -30.09 21.59 -5.41
N UNK B 363 -30.54 20.97 -4.31
CA UNK B 363 -30.28 21.50 -2.98
C UNK B 363 -28.89 21.17 -2.47
N UNK B 364 -28.23 20.17 -3.04
CA UNK B 364 -26.93 19.73 -2.53
C UNK B 364 -25.83 20.74 -2.87
N UNK B 365 -25.64 21.00 -4.17
CA UNK B 365 -24.58 21.91 -4.59
C UNK B 365 -24.91 23.38 -4.33
N UNK B 366 -26.16 23.70 -4.01
CA UNK B 366 -26.52 25.09 -3.73
C UNK B 366 -26.06 25.50 -2.33
N UNK B 367 -26.42 24.70 -1.32
CA UNK B 367 -26.07 25.02 0.06
C UNK B 367 -24.63 24.70 0.41
N UNK B 368 -23.93 23.95 -0.43
CA UNK B 368 -22.53 23.63 -0.15
C UNK B 368 -21.62 24.85 -0.31
N UNK B 369 -22.00 25.79 -1.17
CA UNK B 369 -21.23 27.00 -1.33
C UNK B 369 -21.32 27.89 -0.09
N UNK B 370 -22.43 27.83 0.63
CA UNK B 370 -22.49 28.49 1.93
C UNK B 370 -21.66 27.73 2.95
N UNK B 371 -21.61 26.40 2.86
CA UNK B 371 -20.81 25.62 3.78
C UNK B 371 -19.32 25.75 3.48
N UNK B 372 -18.95 25.88 2.20
CA UNK B 372 -17.56 26.11 1.84
C UNK B 372 -17.12 27.50 2.28
N UNK B 373 -18.01 28.49 2.16
CA UNK B 373 -17.70 29.82 2.67
C UNK B 373 -17.76 29.89 4.19
N UNK B 374 -18.45 28.93 4.82
CA UNK B 374 -18.43 28.86 6.29
C UNK B 374 -17.08 28.40 6.80
N UNK B 375 -16.33 27.64 5.99
CA UNK B 375 -14.98 27.24 6.37
C UNK B 375 -14.04 28.44 6.41
N UNK B 376 -14.20 29.37 5.47
CA UNK B 376 -13.40 30.59 5.47
C UNK B 376 -13.78 31.53 6.61
N UNK B 377 -14.99 31.40 7.15
CA UNK B 377 -15.41 32.27 8.24
C UNK B 377 -14.69 31.94 9.54
N UNK B 378 -14.26 30.70 9.70
CA UNK B 378 -13.63 30.27 10.95
C UNK B 378 -12.19 30.78 11.04
N UNK B 379 -11.42 30.61 9.96
CA UNK B 379 -10.02 31.00 9.99
C UNK B 379 -9.84 32.51 9.92
N UNK B 380 -10.75 33.21 9.26
CA UNK B 380 -10.66 34.67 9.19
C UNK B 380 -11.17 35.35 10.44
N UNK B 381 -11.77 34.61 11.38
CA UNK B 381 -12.20 35.14 12.66
C UNK B 381 -11.16 34.91 13.76
N UNK B 382 -9.89 34.84 13.40
CA UNK B 382 -8.83 34.61 14.37
C UNK B 382 -7.71 35.63 14.21
N UNK B 389 -6.50 30.71 19.45
CA UNK B 389 -5.93 31.07 20.75
C UNK B 389 -5.62 29.82 21.55
N UNK B 390 -4.97 30.00 22.70
CA UNK B 390 -4.71 28.88 23.60
C UNK B 390 -5.97 28.41 24.32
N UNK B 391 -6.99 29.26 24.40
CA UNK B 391 -8.29 28.87 24.90
C UNK B 391 -9.28 28.55 23.79
N UNK B 392 -9.07 29.10 22.59
CA UNK B 392 -9.92 28.76 21.45
C UNK B 392 -9.60 27.37 20.92
N UNK B 393 -8.31 27.03 20.79
CA UNK B 393 -7.94 25.68 20.40
C UNK B 393 -8.24 24.68 21.50
N UNK B 394 -8.23 25.14 22.76
CA UNK B 394 -8.69 24.29 23.86
C UNK B 394 -10.19 24.04 23.75
N UNK B 395 -10.94 24.99 23.20
CA UNK B 395 -12.34 24.73 22.88
C UNK B 395 -12.48 23.90 21.61
N UNK B 396 -11.52 24.02 20.69
CA UNK B 396 -11.57 23.23 19.46
C UNK B 396 -11.32 21.76 19.74
N UNK B 397 -10.42 21.47 20.67
CA UNK B 397 -10.23 20.09 21.09
C UNK B 397 -11.32 19.62 22.02
N UNK B 398 -12.09 20.54 22.60
CA UNK B 398 -13.20 20.16 23.46
C UNK B 398 -14.40 19.67 22.66
N UNK B 399 -14.59 20.21 21.46
CA UNK B 399 -15.76 19.84 20.66
C UNK B 399 -15.63 18.42 20.12
N UNK B 400 -14.42 18.03 19.70
CA UNK B 400 -14.20 16.66 19.27
C UNK B 400 -14.24 15.68 20.43
N UNK B 401 -13.83 16.14 21.62
CA UNK B 401 -13.85 15.26 22.78
C UNK B 401 -15.26 15.03 23.28
N UNK B 402 -16.09 16.08 23.33
CA UNK B 402 -17.42 15.96 23.90
C UNK B 402 -18.37 15.20 22.98
N UNK B 403 -18.09 15.18 21.68
CA UNK B 403 -18.98 14.49 20.75
C UNK B 403 -18.73 12.99 20.75
N UNK B 404 -17.47 12.59 20.70
CA UNK B 404 -17.12 11.17 20.64
C UNK B 404 -17.10 10.50 22.00
N UNK B 405 -17.41 11.23 23.07
CA UNK B 405 -17.32 10.68 24.42
C UNK B 405 -18.37 9.59 24.64
N UNK B 406 -19.63 9.89 24.34
CA UNK B 406 -20.67 8.89 24.47
C UNK B 406 -20.59 7.83 23.37
N UNK B 407 -19.89 8.12 22.27
CA UNK B 407 -19.82 7.19 21.15
C UNK B 407 -18.99 5.97 21.50
N UNK B 408 -17.98 6.13 22.34
CA UNK B 408 -17.25 4.96 22.83
C UNK B 408 -18.11 4.13 23.77
N UNK B 409 -18.93 4.81 24.60
CA UNK B 409 -19.84 4.10 25.48
C UNK B 409 -21.05 3.54 24.73
N UNK B 410 -21.33 4.05 23.53
CA UNK B 410 -22.47 3.57 22.77
C UNK B 410 -22.19 2.20 22.15
N UNK B 411 -21.17 2.12 21.29
CA UNK B 411 -20.94 0.91 20.52
C UNK B 411 -20.39 -0.23 21.35
N UNK B 412 -19.89 0.05 22.55
CA UNK B 412 -19.44 -1.03 23.42
C UNK B 412 -20.61 -1.88 23.90
N UNK B 413 -21.68 -1.23 24.36
CA UNK B 413 -22.89 -1.95 24.72
C UNK B 413 -23.59 -2.52 23.50
N UNK B 414 -23.41 -1.91 22.33
CA UNK B 414 -24.06 -2.39 21.13
C UNK B 414 -23.44 -3.70 20.63
N UNK B 415 -22.13 -3.86 20.79
CA UNK B 415 -21.50 -5.10 20.37
C UNK B 415 -21.87 -6.25 21.29
N UNK B 416 -22.18 -5.95 22.56
CA UNK B 416 -22.53 -7.00 23.51
C UNK B 416 -23.92 -7.56 23.23
N UNK B 417 -24.83 -6.74 22.73
CA UNK B 417 -26.18 -7.21 22.44
C UNK B 417 -26.22 -8.15 21.25
N UNK B 418 -25.26 -8.05 20.33
CA UNK B 418 -25.16 -9.03 19.27
C UNK B 418 -24.68 -10.37 19.77
N UNK B 419 -24.01 -10.41 20.92
CA UNK B 419 -23.63 -11.65 21.57
C UNK B 419 -24.75 -12.24 22.42
N UNK B 420 -25.56 -11.38 23.05
CA UNK B 420 -26.67 -11.88 23.86
C UNK B 420 -27.82 -12.39 23.00
N UNK B 421 -27.94 -11.92 21.76
CA UNK B 421 -28.99 -12.40 20.88
C UNK B 421 -28.73 -13.81 20.37
N UNK B 422 -27.47 -14.24 20.35
CA UNK B 422 -27.14 -15.58 19.91
C UNK B 422 -26.83 -16.46 21.12
N ARG B 506 -20.99 -5.59 -1.89
CA ARG B 506 -20.98 -5.95 -0.47
C ARG B 506 -19.61 -6.42 -0.04
N LYS B 507 -18.97 -7.22 -0.90
CA LYS B 507 -17.65 -7.75 -0.56
C LYS B 507 -16.56 -6.69 -0.67
N LEU B 508 -16.79 -5.64 -1.45
CA LEU B 508 -15.88 -4.51 -1.55
C LEU B 508 -16.06 -3.54 -0.39
N ASP B 509 -17.16 -3.63 0.34
CA ASP B 509 -17.42 -2.72 1.44
C ASP B 509 -16.48 -2.94 2.61
N VAL B 510 -16.13 -4.20 2.90
CA VAL B 510 -15.44 -4.49 4.15
C VAL B 510 -13.96 -4.13 4.05
N THR B 511 -13.40 -4.07 2.84
CA THR B 511 -12.01 -3.63 2.73
C THR B 511 -11.90 -2.13 2.80
N LEU B 512 -12.93 -1.40 2.34
CA LEU B 512 -12.92 0.06 2.42
C LEU B 512 -12.97 0.56 3.85
N LEU B 513 -13.46 -0.25 4.76
CA LEU B 513 -13.44 0.07 6.18
C LEU B 513 -12.06 -0.13 6.79
N PHE B 514 -11.22 -0.96 6.17
CA PHE B 514 -9.91 -1.26 6.72
C PHE B 514 -8.79 -0.42 6.13
N VAL B 515 -8.91 0.05 4.89
CA VAL B 515 -7.93 0.98 4.36
C VAL B 515 -8.02 2.31 5.10
N SER B 516 -9.20 2.64 5.60
CA SER B 516 -9.45 3.83 6.40
C SER B 516 -8.86 3.77 7.80
N ALA B 517 -8.12 2.71 8.14
CA ALA B 517 -7.49 2.64 9.45
C ALA B 517 -6.38 3.66 9.59
N VAL B 518 -5.75 4.07 8.48
CA VAL B 518 -4.65 5.01 8.54
C VAL B 518 -5.14 6.38 9.01
N GLY B 519 -6.38 6.72 8.69
CA GLY B 519 -6.90 8.02 9.08
C GLY B 519 -7.25 8.14 10.53
N GLN B 520 -7.35 7.03 11.25
CA GLN B 520 -7.68 7.10 12.65
C GLN B 520 -6.68 6.37 13.55
N LEU B 521 -5.65 5.77 12.98
CA LEU B 521 -4.63 5.11 13.79
C LEU B 521 -3.24 5.61 13.45
N GLY B 522 -2.96 5.89 12.19
CA GLY B 522 -1.64 6.38 11.82
C GLY B 522 -1.41 7.82 12.23
N ILE B 523 -2.44 8.65 12.13
CA ILE B 523 -2.26 10.05 12.50
C ILE B 523 -2.31 10.23 14.00
N SER B 524 -2.86 9.26 14.72
CA SER B 524 -3.03 9.43 16.16
C SER B 524 -1.81 8.94 16.93
N TYR B 525 -1.32 7.75 16.58
CA TYR B 525 -0.13 7.19 17.22
C TYR B 525 1.11 8.04 16.99
N PHE B 526 1.17 8.73 15.85
CA PHE B 526 2.23 9.71 15.63
C PHE B 526 2.16 10.84 16.64
N SER B 527 0.96 11.22 17.06
CA SER B 527 0.83 12.35 17.96
C SER B 527 0.99 11.95 19.42
N ILE B 528 0.60 10.72 19.77
CA ILE B 528 0.71 10.25 21.15
C ILE B 528 2.17 10.16 21.56
N ILE B 529 3.02 9.65 20.68
CA ILE B 529 4.45 9.71 20.88
C ILE B 529 4.93 11.15 20.93
N ALA B 530 4.34 12.00 20.10
CA ALA B 530 4.76 13.38 20.01
C ALA B 530 4.36 14.21 21.22
N THR B 531 3.48 13.73 22.09
CA THR B 531 3.24 14.40 23.35
C THR B 531 4.05 13.81 24.49
N VAL B 532 4.41 12.54 24.39
CA VAL B 532 5.13 11.87 25.47
C VAL B 532 6.55 12.39 25.55
N VAL B 533 7.27 12.42 24.42
CA VAL B 533 8.68 12.76 24.45
C VAL B 533 8.93 14.26 24.46
N THR B 534 7.89 15.08 24.57
CA THR B 534 8.11 16.48 24.90
C THR B 534 8.44 16.62 26.37
N THR B 535 9.36 17.54 26.66
CA THR B 535 9.84 17.76 28.02
C THR B 535 8.85 18.37 29.02
N PRO B 536 8.13 19.49 28.74
CA PRO B 536 7.55 20.23 29.86
C PRO B 536 6.26 19.63 30.43
N TRP B 537 5.51 18.84 29.65
CA TRP B 537 4.26 18.19 30.06
C TRP B 537 3.24 19.24 30.52
N THR B 538 2.76 20.02 29.56
CA THR B 538 1.81 21.08 29.83
C THR B 538 0.46 20.51 30.30
N MET B 539 -0.40 21.42 30.74
CA MET B 539 -1.75 21.04 31.12
C MET B 539 -2.67 20.83 29.93
N LEU B 540 -2.22 21.14 28.72
CA LEU B 540 -2.94 20.79 27.51
C LEU B 540 -2.22 19.74 26.66
N SER B 541 -1.00 19.36 27.02
CA SER B 541 -0.36 18.24 26.34
C SER B 541 -1.09 16.95 26.67
N ALA B 542 -1.52 16.79 27.91
CA ALA B 542 -2.37 15.66 28.27
C ALA B 542 -3.77 15.80 27.69
N LEU B 543 -4.19 17.01 27.35
CA LEU B 543 -5.43 17.16 26.60
C LEU B 543 -5.24 16.65 25.17
N ASN B 544 -4.07 16.90 24.57
CA ASN B 544 -3.78 16.38 23.25
C ASN B 544 -3.60 14.87 23.29
N PHE B 545 -3.01 14.36 24.37
CA PHE B 545 -2.85 12.91 24.52
C PHE B 545 -4.19 12.23 24.76
N SER B 546 -5.11 12.89 25.46
CA SER B 546 -6.40 12.28 25.71
C SER B 546 -7.27 12.29 24.46
N ASN B 547 -7.01 13.24 23.55
CA ASN B 547 -7.78 13.29 22.32
C ASN B 547 -7.44 12.13 21.40
N SER B 548 -6.15 11.92 21.17
CA SER B 548 -5.70 10.90 20.23
C SER B 548 -5.91 9.50 20.78
N LEU B 549 -5.88 9.33 22.10
CA LEU B 549 -6.17 8.02 22.67
C LEU B 549 -7.65 7.71 22.57
N LEU B 550 -8.49 8.74 22.69
CA LEU B 550 -9.93 8.51 22.58
C LEU B 550 -10.33 8.25 21.14
N LEU B 551 -9.53 8.69 20.17
CA LEU B 551 -9.85 8.44 18.77
C LEU B 551 -9.66 6.97 18.41
N ILE B 552 -8.73 6.29 19.08
CA ILE B 552 -8.51 4.87 18.80
C ILE B 552 -9.69 4.04 19.28
N LEU B 553 -10.21 4.36 20.46
CA LEU B 553 -11.24 3.52 21.06
C LEU B 553 -12.57 3.68 20.35
N GLN B 554 -12.82 4.85 19.74
CA GLN B 554 -14.04 4.99 18.95
C GLN B 554 -13.94 4.22 17.65
N TYR B 555 -12.73 4.01 17.13
CA TYR B 555 -12.56 3.24 15.92
C TYR B 555 -12.86 1.76 16.16
N LEU B 556 -12.26 1.20 17.21
CA LEU B 556 -12.39 -0.24 17.43
C LEU B 556 -13.75 -0.60 18.01
N SER B 557 -14.49 0.37 18.54
CA SER B 557 -15.85 0.08 18.96
C SER B 557 -16.80 0.10 17.77
N GLN B 558 -16.63 1.10 16.89
CA GLN B 558 -17.56 1.26 15.78
C GLN B 558 -17.36 0.22 14.71
N THR B 559 -16.14 -0.28 14.55
CA THR B 559 -15.84 -1.21 13.46
C THR B 559 -16.47 -2.57 13.72
N MET B 560 -16.29 -3.10 14.93
CA MET B 560 -16.85 -4.41 15.24
C MET B 560 -18.36 -4.38 15.34
N PHE B 561 -18.93 -3.21 15.65
CA PHE B 561 -20.38 -3.09 15.64
C PHE B 561 -20.94 -3.20 14.24
N ILE B 562 -20.21 -2.70 13.25
CA ILE B 562 -20.71 -2.74 11.88
C ILE B 562 -20.68 -4.15 11.33
N ILE B 563 -19.56 -4.86 11.51
CA ILE B 563 -19.40 -6.16 10.88
C ILE B 563 -20.25 -7.21 11.58
N GLU B 564 -20.40 -7.12 12.89
CA GLU B 564 -21.27 -8.05 13.59
C GLU B 564 -22.73 -7.79 13.26
N SER B 565 -23.09 -6.55 12.93
CA SER B 565 -24.42 -6.28 12.42
C SER B 565 -24.56 -6.76 10.99
N MET B 566 -23.52 -6.58 10.18
CA MET B 566 -23.60 -6.94 8.77
C MET B 566 -23.62 -8.45 8.58
N ARG B 567 -23.01 -9.21 9.49
CA ARG B 567 -23.21 -10.64 9.47
C ARG B 567 -24.60 -11.01 9.93
N SER B 568 -25.17 -10.23 10.86
CA SER B 568 -26.49 -10.50 11.41
C SER B 568 -27.62 -10.17 10.46
N ILE B 569 -27.33 -9.62 9.28
CA ILE B 569 -28.32 -9.40 8.26
C ILE B 569 -28.20 -10.40 7.12
N HIS B 570 -26.97 -10.74 6.74
CA HIS B 570 -26.76 -11.67 5.65
C HIS B 570 -27.20 -13.09 6.00
N GLU B 571 -27.09 -13.48 7.28
CA GLU B 571 -27.49 -14.82 7.66
C GLU B 571 -29.00 -15.00 7.70
N GLU B 572 -29.75 -13.90 7.73
CA GLU B 572 -31.21 -13.96 7.81
C GLU B 572 -31.87 -14.22 6.48
N GLU B 573 -31.10 -14.53 5.43
CA GLU B 573 -31.68 -15.08 4.21
C GLU B 573 -32.28 -16.45 4.49
N LYS B 574 -31.47 -17.37 4.98
CA LYS B 574 -31.92 -18.72 5.29
C LYS B 574 -32.10 -18.88 6.80
N GLY B 606 -38.00 -9.49 19.08
CA GLY B 606 -37.40 -9.37 20.40
C GLY B 606 -36.97 -7.96 20.73
N LEU B 607 -36.85 -7.66 22.02
CA LEU B 607 -36.45 -6.32 22.45
C LEU B 607 -34.96 -6.08 22.34
N SER B 608 -34.17 -7.11 22.02
CA SER B 608 -32.78 -6.88 21.65
C SER B 608 -32.68 -6.11 20.34
N ARG B 609 -33.68 -6.27 19.47
CA ARG B 609 -33.74 -5.49 18.24
C ARG B 609 -33.97 -4.01 18.54
N ARG B 610 -34.65 -3.71 19.65
CA ARG B 610 -34.81 -2.32 20.05
C ARG B 610 -33.49 -1.74 20.54
N VAL B 611 -32.58 -2.57 21.03
CA VAL B 611 -31.27 -2.09 21.44
C VAL B 611 -30.43 -1.71 20.24
N VAL B 612 -30.50 -2.53 19.18
CA VAL B 612 -29.75 -2.24 17.96
C VAL B 612 -30.32 -1.01 17.28
N LYS B 613 -31.65 -0.87 17.30
CA LYS B 613 -32.29 0.25 16.64
C LYS B 613 -31.98 1.58 17.31
N GLU B 614 -31.95 1.58 18.64
CA GLU B 614 -31.68 2.83 19.36
C GLU B 614 -30.20 3.18 19.30
N MET B 615 -29.35 2.20 18.97
CA MET B 615 -27.92 2.46 18.95
C MET B 615 -27.47 3.02 17.62
N ALA B 616 -27.96 2.46 16.52
CA ALA B 616 -27.57 2.93 15.20
C ALA B 616 -28.14 4.32 14.92
N MET B 617 -29.26 4.66 15.55
CA MET B 617 -29.83 6.00 15.38
C MET B 617 -28.97 7.05 16.06
N PHE B 618 -28.36 6.70 17.20
CA PHE B 618 -27.51 7.65 17.89
C PHE B 618 -26.19 7.85 17.16
N LEU B 619 -25.67 6.78 16.55
CA LEU B 619 -24.37 6.87 15.89
C LEU B 619 -24.44 7.69 14.61
N MET B 620 -25.60 7.71 13.94
CA MET B 620 -25.71 8.45 12.69
C MET B 620 -25.69 9.95 12.93
N ILE B 621 -26.11 10.39 14.12
CA ILE B 621 -26.13 11.81 14.40
C ILE B 621 -24.72 12.31 14.71
N CYS B 622 -23.98 11.56 15.51
CA CYS B 622 -22.66 12.01 15.94
C CYS B 622 -21.63 11.89 14.83
N ASN B 623 -21.80 10.93 13.93
CA ASN B 623 -20.89 10.83 12.79
C ASN B 623 -21.04 12.00 11.84
N ILE B 624 -22.29 12.42 11.58
CA ILE B 624 -22.53 13.63 10.80
C ILE B 624 -21.99 14.86 11.53
N MET B 625 -22.16 14.89 12.86
CA MET B 625 -21.57 15.95 13.67
C MET B 625 -20.04 15.91 13.61
N CYS B 626 -19.48 14.70 13.50
CA CYS B 626 -18.04 14.58 13.32
C CYS B 626 -17.62 14.97 11.90
N TRP B 627 -18.46 14.70 10.91
CA TRP B 627 -18.07 14.88 9.52
C TRP B 627 -18.01 16.35 9.15
N ILE B 628 -19.00 17.14 9.57
CA ILE B 628 -19.02 18.56 9.24
C ILE B 628 -17.92 19.30 9.97
N LEU B 629 -17.65 18.91 11.22
CA LEU B 629 -16.49 19.44 11.92
C LEU B 629 -15.20 18.89 11.33
N GLY B 630 -15.25 17.71 10.72
CA GLY B 630 -14.08 17.16 10.07
C GLY B 630 -13.73 17.89 8.80
N ALA B 631 -14.67 17.96 7.87
CA ALA B 631 -14.38 18.56 6.58
C ALA B 631 -14.47 20.08 6.64
N PHE B 632 -15.65 20.61 6.92
CA PHE B 632 -15.86 22.06 6.94
C PHE B 632 -15.58 22.65 8.31
N GLY B 633 -14.41 22.35 8.85
CA GLY B 633 -14.03 22.88 10.14
C GLY B 633 -12.61 23.44 10.07
N ALA B 634 -12.01 23.72 11.21
CA ALA B 634 -10.64 24.17 11.23
C ALA B 634 -9.71 23.00 10.89
N HIS B 635 -8.58 23.33 10.28
CA HIS B 635 -7.51 22.36 10.09
C HIS B 635 -6.71 22.34 11.38
N PRO B 636 -6.92 21.36 12.27
CA PRO B 636 -6.45 21.50 13.64
C PRO B 636 -4.98 21.15 13.84
N LEU B 637 -4.27 20.72 12.81
CA LEU B 637 -2.89 20.28 12.99
C LEU B 637 -1.87 21.34 12.63
N TYR B 638 -2.21 22.27 11.72
CA TYR B 638 -1.36 23.44 11.57
C TYR B 638 -1.47 24.34 12.81
N MET B 639 -2.62 24.33 13.47
CA MET B 639 -2.76 25.04 14.74
C MET B 639 -2.05 24.31 15.88
N ASN B 640 -1.68 23.04 15.68
CA ASN B 640 -1.15 22.23 16.78
C ASN B 640 0.27 22.67 17.13
N GLY B 641 1.21 22.50 16.20
CA GLY B 641 2.55 23.02 16.37
C GLY B 641 3.45 22.24 17.30
N LEU B 642 2.94 21.24 18.01
CA LEU B 642 3.80 20.47 18.91
C LEU B 642 4.63 19.48 18.12
N GLU B 643 3.98 18.59 17.38
CA GLU B 643 4.69 17.64 16.54
C GLU B 643 5.31 18.31 15.32
N ARG B 644 4.82 19.50 14.95
CA ARG B 644 5.46 20.29 13.92
C ARG B 644 6.83 20.77 14.37
N GLN B 645 7.07 20.87 15.67
CA GLN B 645 8.40 21.09 16.20
C GLN B 645 9.18 19.79 16.29
N LEU B 646 8.51 18.66 16.51
CA LEU B 646 9.21 17.39 16.62
C LEU B 646 9.52 16.80 15.25
N TYR B 647 8.49 16.45 14.49
CA TYR B 647 8.72 16.05 13.13
C TYR B 647 8.95 17.28 12.26
N GLY B 648 9.60 17.07 11.12
CA GLY B 648 9.79 18.15 10.17
C GLY B 648 8.47 18.51 9.53
N SER B 649 8.22 19.82 9.42
CA SER B 649 6.95 20.30 8.87
C SER B 649 6.81 19.99 7.38
N GLY B 650 7.93 19.81 6.68
CA GLY B 650 7.87 19.43 5.28
C GLY B 650 7.42 18.00 5.05
N ILE B 651 7.59 17.13 6.04
CA ILE B 651 7.19 15.74 5.88
C ILE B 651 6.06 15.36 6.83
N TRP B 652 5.79 16.13 7.88
CA TRP B 652 4.60 15.86 8.67
C TRP B 652 3.34 16.30 7.94
N LEU B 653 3.44 17.34 7.11
CA LEU B 653 2.30 17.79 6.33
C LEU B 653 1.89 16.78 5.28
N ALA B 654 2.80 15.91 4.85
CA ALA B 654 2.42 14.83 3.95
C ALA B 654 1.56 13.78 4.66
N ILE B 655 1.81 13.56 5.94
CA ILE B 655 1.06 12.54 6.67
C ILE B 655 -0.35 13.02 6.94
N LEU B 656 -0.55 14.33 7.05
CA LEU B 656 -1.90 14.86 7.18
C LEU B 656 -2.69 14.65 5.91
N ASN B 657 -2.05 14.82 4.76
CA ASN B 657 -2.73 14.70 3.48
C ASN B 657 -2.87 13.27 3.00
N ILE B 658 -2.54 12.29 3.84
CA ILE B 658 -2.91 10.91 3.58
C ILE B 658 -4.05 10.47 4.48
N GLY B 659 -3.98 10.81 5.76
CA GLY B 659 -4.94 10.30 6.73
C GLY B 659 -6.22 11.10 6.87
N LEU B 660 -6.10 12.43 6.89
CA LEU B 660 -7.28 13.27 7.05
C LEU B 660 -8.31 13.13 5.92
N PRO B 661 -7.95 13.02 4.63
CA PRO B 661 -9.00 12.67 3.66
C PRO B 661 -9.47 11.24 3.79
N LEU B 662 -8.63 10.34 4.30
CA LEU B 662 -9.10 8.98 4.53
C LEU B 662 -10.04 8.92 5.72
N SER B 663 -9.82 9.76 6.72
CA SER B 663 -10.68 9.71 7.91
C SER B 663 -12.05 10.28 7.62
N VAL B 664 -12.12 11.30 6.78
CA VAL B 664 -13.40 11.89 6.41
C VAL B 664 -14.18 10.93 5.52
N PHE B 665 -13.49 10.24 4.62
CA PHE B 665 -14.13 9.20 3.81
C PHE B 665 -14.58 8.01 4.64
N TYR B 666 -13.91 7.75 5.77
CA TYR B 666 -14.35 6.70 6.67
C TYR B 666 -15.71 6.99 7.27
N ARG B 667 -16.01 8.25 7.54
CA ARG B 667 -17.29 8.60 8.14
C ARG B 667 -18.44 8.46 7.15
N MET B 668 -18.29 9.01 5.94
CA MET B 668 -19.37 8.99 4.96
C MET B 668 -19.65 7.58 4.45
N HIS B 669 -18.64 6.70 4.52
CA HIS B 669 -18.89 5.31 4.15
C HIS B 669 -19.56 4.56 5.29
N SER B 670 -19.27 4.93 6.53
CA SER B 670 -19.83 4.22 7.66
C SER B 670 -21.29 4.57 7.92
N VAL B 671 -21.68 5.81 7.62
CA VAL B 671 -23.05 6.26 7.86
C VAL B 671 -24.03 5.47 7.01
N GLY B 672 -23.67 5.21 5.75
CA GLY B 672 -24.54 4.46 4.87
C GLY B 672 -24.75 3.01 5.26
N ILE B 673 -23.78 2.40 5.95
CA ILE B 673 -24.02 1.08 6.47
C ILE B 673 -24.91 1.13 7.70
N LEU B 674 -24.77 2.20 8.49
CA LEU B 674 -25.63 2.39 9.65
C LEU B 674 -27.08 2.67 9.25
N LEU B 675 -27.28 3.35 8.12
CA LEU B 675 -28.63 3.54 7.63
C LEU B 675 -29.24 2.23 7.15
N GLU B 676 -28.41 1.33 6.65
CA GLU B 676 -28.92 0.03 6.20
C GLU B 676 -29.35 -0.84 7.36
N VAL B 677 -28.62 -0.84 8.47
CA VAL B 677 -29.02 -1.68 9.59
C VAL B 677 -30.19 -1.06 10.34
N TYR B 678 -30.34 0.26 10.24
CA TYR B 678 -31.47 0.93 10.88
C TYR B 678 -32.76 0.62 10.14
N LEU B 679 -32.72 0.67 8.81
CA LEU B 679 -33.89 0.34 8.01
C LEU B 679 -34.23 -1.14 8.09
N HIS B 680 -33.21 -1.99 8.20
CA HIS B 680 -33.46 -3.43 8.32
C HIS B 680 -34.04 -3.77 9.68
N ALA B 681 -33.70 -3.00 10.71
CA ALA B 681 -34.25 -3.26 12.04
C ALA B 681 -35.71 -2.84 12.12
N LEU B 682 -36.05 -1.69 11.52
CA LEU B 682 -37.41 -1.18 11.63
C LEU B 682 -38.37 -1.93 10.71
N GLU B 683 -37.85 -2.71 9.77
CA GLU B 683 -38.68 -3.58 8.96
C GLU B 683 -38.20 -5.02 9.07
#